data_9L8X
#
_entry.id   9L8X
#
_cell.length_a   87.886
_cell.length_b   94.033
_cell.length_c   126.029
_cell.angle_alpha   90.000
_cell.angle_beta   90.000
_cell.angle_gamma   90.000
#
_symmetry.space_group_name_H-M   'P 21 21 21'
#
loop_
_entity.id
_entity.type
_entity.pdbx_description
1 polymer 'Vanadium-dependent haloperoxidase'
2 non-polymer 'VANADATE ION'
3 non-polymer 'CHLORIDE ION'
4 water water
#
_entity_poly.entity_id   1
_entity_poly.type   'polypeptide(L)'
_entity_poly.pdbx_seq_one_letter_code
;MGSSHHHHHHSSGLVGRPSHMMTHPHRPVRGRSPRTLVLACVTALAVATTGFAVAETRDGERAAAADGRQAFDFTEGNSA
LEVIYPRVGPAVRKHINQVAMDGTLVLRVSALMESSWFDATAPYHPTAVGIHSDLGRRPASEATQKNLNTAMLYSTYRVM
QSLMPTYDAQWREMLTSVGLDPDDDSTDRTTPVGLGNAAGNAVVEKRENDGMNQLGNEGGQKYHQRPYSDYTGYKPVNTP
YDIRNPSRWQPALVSTGNGIFTAQSFVTAQLGRAKPYSFADPKDLLVSKPRSSNHRNRAAYKRQAEEVLRASANLTDEQK
LKAEFFNDKLIFASGFMGEISDDLMEFIHSATASHIAGFDVMLASWYNKRKYDAPRPFTAIRYLYAGQKLRAWGGPGKGT
VDDMPAEDWQSYLQVSDHPEYPSGSTAFCAAQAEVGKLVGGGDRTDIRYDVEKGGSYIEPGVTPAKDTSIRWTDWNEMVD
DCAKSRVWGGVHFKAATEASKGLGAKVGESSYRYVQSHIEGKQVGSMR
;
_entity_poly.pdbx_strand_id   B,A
#
# COMPACT_ATOMS: atom_id res chain seq x y z
N ALA A 71 24.06 -7.51 25.59
CA ALA A 71 23.28 -7.66 26.82
C ALA A 71 22.38 -8.88 26.77
N PHE A 72 22.77 -9.87 25.96
CA PHE A 72 22.11 -11.16 25.90
C PHE A 72 23.06 -12.21 26.45
N ASP A 73 22.52 -13.12 27.27
CA ASP A 73 23.30 -14.14 27.99
C ASP A 73 23.21 -15.45 27.20
N PHE A 74 24.25 -15.73 26.41
CA PHE A 74 24.21 -16.93 25.55
C PHE A 74 24.03 -18.20 26.36
N THR A 75 24.55 -18.23 27.59
CA THR A 75 24.48 -19.44 28.43
C THR A 75 23.11 -19.64 29.07
N GLU A 76 22.25 -18.63 29.07
CA GLU A 76 20.99 -18.73 29.82
C GLU A 76 19.76 -18.20 29.08
N GLY A 77 19.90 -17.26 28.14
CA GLY A 77 18.74 -16.73 27.45
C GLY A 77 18.26 -17.62 26.32
N ASN A 78 17.13 -17.20 25.74
CA ASN A 78 16.56 -17.81 24.54
C ASN A 78 16.73 -16.81 23.41
N SER A 79 17.61 -17.12 22.46
CA SER A 79 17.90 -16.15 21.41
C SER A 79 16.66 -15.85 20.57
N ALA A 80 15.74 -16.80 20.46
CA ALA A 80 14.53 -16.55 19.70
C ALA A 80 13.70 -15.46 20.37
N LEU A 81 13.41 -15.63 21.66
CA LEU A 81 12.52 -14.68 22.31
C LEU A 81 13.18 -13.34 22.56
N GLU A 82 14.51 -13.30 22.63
CA GLU A 82 15.21 -12.10 23.08
C GLU A 82 15.98 -11.37 22.00
N VAL A 83 16.41 -12.04 20.93
CA VAL A 83 17.21 -11.44 19.86
C VAL A 83 16.48 -11.51 18.53
N ILE A 84 15.89 -12.67 18.21
CA ILE A 84 15.36 -12.91 16.87
C ILE A 84 13.96 -12.33 16.73
N TYR A 85 13.00 -12.82 17.51
CA TYR A 85 11.62 -12.33 17.42
C TYR A 85 11.51 -10.82 17.53
N PRO A 86 12.17 -10.15 18.50
CA PRO A 86 12.03 -8.69 18.57
C PRO A 86 12.48 -7.96 17.31
N ARG A 87 13.28 -8.58 16.45
CA ARG A 87 13.68 -7.91 15.21
C ARG A 87 12.91 -8.39 13.99
N VAL A 88 12.48 -9.65 13.98
CA VAL A 88 11.84 -10.20 12.79
C VAL A 88 10.37 -9.85 12.75
N GLY A 89 9.71 -9.80 13.91
CA GLY A 89 8.33 -9.39 14.01
C GLY A 89 8.08 -8.01 13.45
N PRO A 90 8.81 -7.02 13.97
CA PRO A 90 8.66 -5.65 13.44
C PRO A 90 8.98 -5.54 11.96
N ALA A 91 10.03 -6.23 11.48
CA ALA A 91 10.36 -6.17 10.06
C ALA A 91 9.21 -6.71 9.21
N VAL A 92 8.62 -7.82 9.66
CA VAL A 92 7.50 -8.44 8.96
C VAL A 92 6.32 -7.48 8.88
N ARG A 93 6.03 -6.76 9.97
CA ARG A 93 4.94 -5.78 9.95
C ARG A 93 5.28 -4.61 9.04
N LYS A 94 6.53 -4.16 9.10
CA LYS A 94 6.94 -3.04 8.25
C LYS A 94 6.90 -3.45 6.78
N HIS A 95 7.44 -4.64 6.47
CA HIS A 95 7.58 -5.07 5.08
C HIS A 95 6.22 -5.44 4.48
N ILE A 96 5.47 -6.35 5.13
CA ILE A 96 4.27 -6.94 4.53
C ILE A 96 3.00 -6.16 4.88
N ASN A 97 2.68 -6.07 6.17
CA ASN A 97 1.42 -5.48 6.59
C ASN A 97 1.48 -5.16 8.08
N GLN A 98 1.01 -3.97 8.45
CA GLN A 98 0.98 -3.57 9.86
C GLN A 98 0.15 -4.54 10.71
N VAL A 99 -0.97 -5.02 10.17
CA VAL A 99 -1.74 -6.12 10.75
C VAL A 99 -1.18 -7.41 10.17
N ALA A 100 -0.54 -8.23 11.02
CA ALA A 100 0.17 -9.42 10.52
C ALA A 100 -0.83 -10.49 10.06
N MET A 101 -1.44 -10.20 8.92
CA MET A 101 -2.69 -10.76 8.46
C MET A 101 -2.52 -11.71 7.29
N ASP A 102 -1.31 -11.77 6.72
CA ASP A 102 -1.05 -12.40 5.44
C ASP A 102 -0.33 -13.71 5.70
N GLY A 103 -1.12 -14.68 6.18
CA GLY A 103 -0.57 -15.87 6.79
C GLY A 103 0.35 -16.68 5.90
N THR A 104 0.11 -16.67 4.58
CA THR A 104 1.03 -17.42 3.74
C THR A 104 2.38 -16.73 3.62
N LEU A 105 2.47 -15.44 3.89
CA LEU A 105 3.79 -14.85 3.91
C LEU A 105 4.43 -14.97 5.29
N VAL A 106 3.71 -14.61 6.35
CA VAL A 106 4.35 -14.62 7.67
C VAL A 106 4.72 -16.03 8.08
N LEU A 107 3.86 -17.02 7.74
CA LEU A 107 4.11 -18.39 8.13
C LEU A 107 5.15 -19.06 7.27
N ARG A 108 5.41 -18.54 6.07
CA ARG A 108 6.61 -18.98 5.34
C ARG A 108 7.87 -18.55 6.08
N VAL A 109 7.97 -17.26 6.41
CA VAL A 109 9.06 -16.81 7.28
C VAL A 109 9.15 -17.69 8.53
N SER A 110 8.01 -17.88 9.20
CA SER A 110 8.01 -18.59 10.47
C SER A 110 8.48 -20.04 10.30
N ALA A 111 7.89 -20.76 9.35
CA ALA A 111 8.27 -22.15 9.13
C ALA A 111 9.73 -22.25 8.71
N LEU A 112 10.18 -21.37 7.83
CA LEU A 112 11.53 -21.53 7.29
C LEU A 112 12.57 -21.18 8.34
N MET A 113 12.36 -20.09 9.09
CA MET A 113 13.31 -19.71 10.14
C MET A 113 13.43 -20.82 11.19
N GLU A 114 12.31 -21.31 11.69
CA GLU A 114 12.38 -22.17 12.86
C GLU A 114 12.78 -23.59 12.50
N SER A 115 12.41 -24.09 11.32
CA SER A 115 12.95 -25.39 10.91
C SER A 115 14.45 -25.30 10.66
N SER A 116 14.96 -24.11 10.31
CA SER A 116 16.41 -23.93 10.25
C SER A 116 17.04 -24.04 11.64
N TRP A 117 16.31 -23.64 12.70
CA TRP A 117 16.80 -23.89 14.06
C TRP A 117 16.88 -25.38 14.31
N PHE A 118 15.82 -26.09 13.91
CA PHE A 118 15.79 -27.53 14.07
C PHE A 118 16.95 -28.18 13.34
N ASP A 119 17.23 -27.73 12.12
CA ASP A 119 18.32 -28.36 11.38
C ASP A 119 19.68 -27.94 11.93
N ALA A 120 19.81 -26.69 12.38
CA ALA A 120 21.10 -26.21 12.88
C ALA A 120 21.48 -26.85 14.20
N THR A 121 20.51 -27.31 14.98
CA THR A 121 20.80 -27.86 16.29
C THR A 121 20.62 -29.38 16.33
N ALA A 122 20.33 -30.01 15.20
CA ALA A 122 20.13 -31.46 15.18
C ALA A 122 21.34 -32.24 15.64
N PRO A 123 22.58 -31.88 15.27
CA PRO A 123 23.73 -32.64 15.79
C PRO A 123 23.92 -32.52 17.28
N TYR A 124 23.32 -31.53 17.94
CA TYR A 124 23.44 -31.45 19.39
C TYR A 124 22.40 -32.25 20.11
N HIS A 125 21.47 -32.87 19.38
CA HIS A 125 20.50 -33.80 19.94
C HIS A 125 21.06 -35.21 19.88
N PRO A 126 20.60 -36.12 20.74
CA PRO A 126 21.13 -37.50 20.69
C PRO A 126 20.84 -38.22 19.38
N THR A 127 19.63 -38.11 18.83
CA THR A 127 19.27 -38.82 17.61
C THR A 127 18.87 -37.94 16.42
N ALA A 128 18.51 -36.68 16.64
CA ALA A 128 17.81 -35.93 15.61
C ALA A 128 18.61 -35.81 14.32
N VAL A 129 17.92 -35.92 13.19
CA VAL A 129 18.45 -35.57 11.88
C VAL A 129 17.63 -34.42 11.33
N GLY A 130 18.25 -33.64 10.47
CA GLY A 130 17.61 -32.44 9.97
C GLY A 130 16.73 -32.70 8.77
N ILE A 131 15.82 -31.74 8.56
CA ILE A 131 14.81 -31.81 7.51
C ILE A 131 15.41 -31.48 6.15
N HIS A 132 16.22 -30.44 6.06
CA HIS A 132 16.77 -29.99 4.79
C HIS A 132 18.22 -30.40 4.62
N SER A 133 18.88 -30.82 5.69
CA SER A 133 20.30 -31.13 5.68
C SER A 133 20.55 -32.34 6.57
N ASP A 134 21.67 -33.00 6.33
CA ASP A 134 22.19 -34.08 7.19
C ASP A 134 23.57 -33.60 7.65
N LEU A 135 23.64 -33.09 8.87
CA LEU A 135 24.84 -32.42 9.34
C LEU A 135 25.55 -33.19 10.45
N GLY A 136 25.20 -34.46 10.65
CA GLY A 136 26.00 -35.34 11.47
C GLY A 136 25.67 -35.24 12.94
N ARG A 137 26.67 -35.52 13.77
CA ARG A 137 26.47 -35.58 15.21
C ARG A 137 27.65 -34.93 15.91
N ARG A 138 27.35 -34.32 17.04
CA ARG A 138 28.32 -33.70 17.93
C ARG A 138 28.24 -34.40 19.29
N PRO A 139 29.28 -34.30 20.10
CA PRO A 139 29.24 -34.94 21.42
C PRO A 139 28.26 -34.23 22.31
N ALA A 140 27.57 -34.99 23.16
CA ALA A 140 26.58 -34.39 24.05
C ALA A 140 27.15 -33.25 24.89
N SER A 141 28.46 -33.26 25.15
CA SER A 141 29.05 -32.20 25.95
C SER A 141 29.06 -30.86 25.22
N GLU A 142 28.89 -30.85 23.91
CA GLU A 142 28.85 -29.62 23.14
C GLU A 142 27.45 -29.01 23.09
N ALA A 143 26.47 -29.66 23.70
CA ALA A 143 25.08 -29.21 23.66
C ALA A 143 24.81 -28.04 24.61
N THR A 144 25.70 -27.06 24.67
CA THR A 144 25.50 -25.96 25.59
C THR A 144 24.37 -25.06 25.11
N GLN A 145 23.76 -24.35 26.07
CA GLN A 145 22.84 -23.28 25.73
C GLN A 145 23.46 -22.31 24.75
N LYS A 146 24.72 -21.91 24.99
CA LYS A 146 25.38 -20.97 24.10
C LYS A 146 25.52 -21.54 22.69
N ASN A 147 25.71 -22.86 22.58
CA ASN A 147 25.93 -23.45 21.25
C ASN A 147 24.64 -23.50 20.45
N LEU A 148 23.54 -23.95 21.07
CA LEU A 148 22.24 -23.91 20.40
C LEU A 148 21.90 -22.49 19.95
N ASN A 149 22.06 -21.51 20.85
CA ASN A 149 21.73 -20.13 20.53
C ASN A 149 22.50 -19.64 19.32
N THR A 150 23.79 -19.98 19.24
CA THR A 150 24.62 -19.51 18.15
C THR A 150 24.22 -20.14 16.82
N ALA A 151 23.94 -21.45 16.83
CA ALA A 151 23.44 -22.11 15.62
C ALA A 151 22.14 -21.46 15.15
N MET A 152 21.22 -21.21 16.10
CA MET A 152 19.97 -20.52 15.84
C MET A 152 20.18 -19.19 15.12
N LEU A 153 21.07 -18.34 15.66
CA LEU A 153 21.19 -16.98 15.13
C LEU A 153 21.78 -16.98 13.73
N TYR A 154 22.66 -17.92 13.41
CA TYR A 154 23.25 -17.95 12.08
C TYR A 154 22.30 -18.54 11.06
N SER A 155 21.51 -19.55 11.45
CA SER A 155 20.59 -20.15 10.49
C SER A 155 19.42 -19.20 10.21
N THR A 156 18.94 -18.51 11.26
CA THR A 156 18.05 -17.37 11.07
C THR A 156 18.62 -16.37 10.09
N TYR A 157 19.90 -15.99 10.29
CA TYR A 157 20.55 -15.02 9.44
C TYR A 157 20.45 -15.41 7.96
N ARG A 158 20.81 -16.65 7.60
CA ARG A 158 20.75 -17.05 6.20
C ARG A 158 19.32 -17.07 5.68
N VAL A 159 18.38 -17.54 6.48
CA VAL A 159 17.00 -17.62 6.03
C VAL A 159 16.42 -16.23 5.80
N MET A 160 16.62 -15.32 6.77
CA MET A 160 16.07 -13.97 6.64
C MET A 160 16.76 -13.19 5.53
N GLN A 161 18.06 -13.41 5.32
CA GLN A 161 18.74 -12.78 4.19
C GLN A 161 18.18 -13.26 2.86
N SER A 162 17.65 -14.49 2.81
CA SER A 162 16.97 -14.96 1.61
C SER A 162 15.53 -14.43 1.53
N LEU A 163 14.79 -14.49 2.64
CA LEU A 163 13.38 -14.14 2.59
C LEU A 163 13.16 -12.63 2.49
N MET A 164 14.02 -11.84 3.12
CA MET A 164 13.86 -10.38 3.16
C MET A 164 15.20 -9.69 2.94
N PRO A 165 15.75 -9.79 1.72
CA PRO A 165 17.08 -9.19 1.48
C PRO A 165 17.13 -7.69 1.69
N THR A 166 16.09 -6.94 1.37
CA THR A 166 16.14 -5.49 1.60
C THR A 166 16.30 -5.14 3.07
N TYR A 167 16.21 -6.12 3.98
CA TYR A 167 16.41 -5.89 5.41
C TYR A 167 17.79 -6.34 5.85
N ASP A 168 18.72 -6.44 4.89
CA ASP A 168 20.11 -6.80 5.13
C ASP A 168 20.70 -6.18 6.38
N ALA A 169 20.58 -4.85 6.54
CA ALA A 169 21.13 -4.19 7.72
C ALA A 169 20.54 -4.75 9.01
N GLN A 170 19.21 -4.92 9.04
CA GLN A 170 18.59 -5.45 10.26
C GLN A 170 19.14 -6.82 10.63
N TRP A 171 19.42 -7.67 9.64
CA TRP A 171 19.88 -9.02 9.97
C TRP A 171 21.31 -8.98 10.50
N ARG A 172 22.17 -8.21 9.85
CA ARG A 172 23.52 -7.98 10.38
C ARG A 172 23.46 -7.49 11.83
N GLU A 173 22.63 -6.48 12.09
CA GLU A 173 22.51 -5.96 13.45
C GLU A 173 21.98 -7.02 14.42
N MET A 174 21.13 -7.93 13.94
CA MET A 174 20.69 -9.05 14.77
C MET A 174 21.89 -9.81 15.31
N LEU A 175 22.93 -9.95 14.49
CA LEU A 175 24.12 -10.69 14.90
C LEU A 175 25.07 -9.81 15.69
N THR A 176 25.39 -8.62 15.16
CA THR A 176 26.43 -7.80 15.78
C THR A 176 26.01 -7.30 17.15
N SER A 177 24.70 -7.12 17.38
CA SER A 177 24.27 -6.66 18.70
C SER A 177 24.49 -7.70 19.79
N VAL A 178 24.73 -8.96 19.42
CA VAL A 178 25.05 -10.00 20.39
C VAL A 178 26.47 -10.52 20.21
N GLY A 179 27.32 -9.79 19.46
CA GLY A 179 28.72 -10.13 19.36
C GLY A 179 29.12 -11.04 18.21
N LEU A 180 28.18 -11.64 17.49
CA LEU A 180 28.56 -12.51 16.39
C LEU A 180 28.85 -11.71 15.12
N ASP A 181 29.60 -12.32 14.21
CA ASP A 181 30.09 -11.65 13.01
C ASP A 181 29.30 -12.09 11.78
N PRO A 182 28.56 -11.19 11.13
CA PRO A 182 27.71 -11.61 10.00
C PRO A 182 28.48 -11.93 8.74
N ASP A 183 29.78 -11.65 8.70
CA ASP A 183 30.62 -12.02 7.58
C ASP A 183 31.28 -13.38 7.75
N ASP A 184 31.07 -14.01 8.91
CA ASP A 184 31.49 -15.39 9.12
C ASP A 184 30.54 -16.31 8.35
N ASP A 185 30.98 -16.74 7.17
CA ASP A 185 30.24 -17.69 6.35
C ASP A 185 30.82 -19.11 6.44
N SER A 186 31.34 -19.50 7.61
CA SER A 186 31.90 -20.82 7.79
C SER A 186 30.80 -21.88 7.74
N THR A 187 31.12 -23.05 7.19
CA THR A 187 30.21 -24.18 7.16
C THR A 187 30.78 -25.40 7.87
N ASP A 188 31.79 -25.19 8.69
CA ASP A 188 32.37 -26.28 9.48
C ASP A 188 31.32 -26.92 10.38
N ARG A 189 31.06 -28.20 10.16
CA ARG A 189 30.00 -28.89 10.89
C ARG A 189 30.38 -29.25 12.31
N THR A 190 31.59 -28.88 12.75
CA THR A 190 31.98 -29.08 14.13
C THR A 190 31.70 -27.86 15.00
N THR A 191 31.45 -26.70 14.38
CA THR A 191 31.23 -25.46 15.12
C THR A 191 29.77 -25.02 15.01
N PRO A 192 29.25 -24.31 16.02
CA PRO A 192 27.83 -23.91 15.98
C PRO A 192 27.56 -22.83 14.96
N VAL A 193 28.59 -22.10 14.53
CA VAL A 193 28.44 -21.15 13.46
C VAL A 193 28.39 -21.87 12.12
N GLY A 194 29.24 -22.87 11.94
CA GLY A 194 29.18 -23.64 10.72
C GLY A 194 27.86 -24.38 10.60
N LEU A 195 27.38 -24.95 11.70
CA LEU A 195 26.12 -25.68 11.66
C LEU A 195 24.97 -24.75 11.33
N GLY A 196 24.90 -23.60 12.02
CA GLY A 196 23.94 -22.57 11.67
C GLY A 196 24.01 -22.20 10.20
N ASN A 197 25.21 -21.88 9.71
CA ASN A 197 25.33 -21.46 8.32
C ASN A 197 24.90 -22.58 7.38
N ALA A 198 25.43 -23.78 7.60
CA ALA A 198 25.09 -24.91 6.73
C ALA A 198 23.59 -25.18 6.77
N ALA A 199 23.00 -25.11 7.96
CA ALA A 199 21.56 -25.41 8.08
C ALA A 199 20.72 -24.37 7.38
N GLY A 200 21.03 -23.08 7.58
CA GLY A 200 20.23 -22.04 6.96
C GLY A 200 20.38 -22.02 5.45
N ASN A 201 21.60 -22.22 4.97
CA ASN A 201 21.82 -22.29 3.52
C ASN A 201 21.03 -23.42 2.89
N ALA A 202 20.90 -24.53 3.61
CA ALA A 202 20.17 -25.68 3.09
C ALA A 202 18.67 -25.40 2.99
N VAL A 203 18.09 -24.76 4.00
CA VAL A 203 16.69 -24.36 3.94
C VAL A 203 16.46 -23.43 2.76
N VAL A 204 17.34 -22.43 2.61
CA VAL A 204 17.25 -21.50 1.50
C VAL A 204 17.37 -22.22 0.16
N GLU A 205 18.31 -23.16 0.05
CA GLU A 205 18.45 -23.86 -1.23
C GLU A 205 17.23 -24.73 -1.51
N LYS A 206 16.58 -25.27 -0.48
CA LYS A 206 15.42 -26.12 -0.68
C LYS A 206 14.11 -25.36 -0.81
N ARG A 207 14.05 -24.07 -0.47
CA ARG A 207 12.78 -23.36 -0.45
C ARG A 207 12.67 -22.21 -1.43
N GLU A 208 13.80 -21.68 -1.94
CA GLU A 208 13.74 -20.54 -2.84
C GLU A 208 12.97 -20.86 -4.11
N ASN A 209 13.02 -22.09 -4.56
CA ASN A 209 12.31 -22.47 -5.77
C ASN A 209 11.37 -23.63 -5.49
N ASP A 210 10.68 -23.57 -4.35
CA ASP A 210 9.74 -24.59 -3.92
C ASP A 210 8.37 -24.48 -4.61
N GLY A 211 8.21 -23.57 -5.56
CA GLY A 211 6.96 -23.42 -6.26
C GLY A 211 6.11 -22.27 -5.79
N MET A 212 6.48 -21.64 -4.68
CA MET A 212 5.75 -20.48 -4.22
C MET A 212 6.20 -19.20 -4.91
N ASN A 213 7.28 -19.24 -5.66
CA ASN A 213 7.77 -18.15 -6.50
C ASN A 213 8.35 -17.02 -5.65
N GLN A 214 8.99 -17.39 -4.54
CA GLN A 214 9.69 -16.45 -3.70
C GLN A 214 10.55 -15.48 -4.52
N LEU A 215 11.13 -15.93 -5.63
CA LEU A 215 12.03 -15.08 -6.39
C LEU A 215 11.38 -14.51 -7.64
N GLY A 216 10.10 -14.80 -7.87
CA GLY A 216 9.44 -14.28 -9.06
C GLY A 216 10.12 -14.70 -10.35
N ASN A 217 10.71 -15.90 -10.37
CA ASN A 217 11.42 -16.40 -11.53
C ASN A 217 10.69 -17.53 -12.22
N GLU A 218 9.61 -18.04 -11.65
CA GLU A 218 8.93 -19.20 -12.20
C GLU A 218 8.47 -18.94 -13.61
N GLY A 219 8.51 -19.97 -14.45
CA GLY A 219 8.21 -19.78 -15.85
C GLY A 219 9.28 -19.01 -16.59
N GLY A 220 10.52 -19.09 -16.13
CA GLY A 220 11.62 -18.37 -16.76
C GLY A 220 11.39 -16.88 -16.91
N GLN A 221 11.04 -16.22 -15.82
CA GLN A 221 10.90 -14.77 -15.83
C GLN A 221 12.23 -14.16 -15.41
N LYS A 222 12.88 -13.47 -16.34
CA LYS A 222 14.19 -12.88 -16.10
C LYS A 222 14.10 -11.46 -15.57
N TYR A 223 13.02 -10.74 -15.85
CA TYR A 223 12.97 -9.31 -15.60
C TYR A 223 11.70 -8.94 -14.85
N HIS A 224 11.76 -7.80 -14.16
CA HIS A 224 10.63 -7.28 -13.40
C HIS A 224 10.08 -8.34 -12.44
N GLN A 225 11.00 -9.08 -11.82
CA GLN A 225 10.62 -10.13 -10.89
C GLN A 225 9.98 -9.53 -9.65
N ARG A 226 8.82 -10.06 -9.28
CA ARG A 226 8.12 -9.62 -8.08
C ARG A 226 7.89 -10.83 -7.18
N PRO A 227 8.42 -10.82 -5.96
CA PRO A 227 8.30 -11.99 -5.09
C PRO A 227 6.86 -12.44 -4.90
N TYR A 228 6.65 -13.75 -5.06
CA TYR A 228 5.38 -14.44 -4.86
C TYR A 228 4.31 -14.03 -5.88
N SER A 229 4.72 -13.53 -7.05
CA SER A 229 3.76 -13.32 -8.14
C SER A 229 3.21 -14.64 -8.60
N ASP A 230 1.95 -14.63 -8.99
CA ASP A 230 1.30 -15.82 -9.47
C ASP A 230 1.74 -16.10 -10.91
N TYR A 231 2.33 -17.27 -11.11
CA TYR A 231 2.68 -17.76 -12.43
C TYR A 231 1.65 -18.75 -12.97
N THR A 232 0.58 -19.04 -12.24
CA THR A 232 -0.34 -20.09 -12.64
C THR A 232 -1.65 -19.56 -13.24
N GLY A 233 -1.73 -18.27 -13.57
CA GLY A 233 -2.84 -17.82 -14.36
C GLY A 233 -4.21 -17.85 -13.70
N TYR A 234 -4.28 -17.73 -12.37
CA TYR A 234 -5.58 -17.54 -11.75
C TYR A 234 -6.17 -16.20 -12.16
N LYS A 235 -7.48 -16.22 -12.48
CA LYS A 235 -8.30 -15.05 -12.80
C LYS A 235 -9.58 -15.19 -11.99
N PRO A 236 -10.04 -14.13 -11.33
CA PRO A 236 -11.37 -14.16 -10.73
C PRO A 236 -12.46 -13.97 -11.78
N VAL A 237 -13.65 -14.48 -11.48
CA VAL A 237 -14.76 -14.31 -12.44
C VAL A 237 -15.62 -13.09 -12.15
N ASN A 238 -15.49 -12.47 -10.98
CA ASN A 238 -16.10 -11.18 -10.71
C ASN A 238 -15.03 -10.09 -10.73
N THR A 239 -15.44 -8.88 -11.13
CA THR A 239 -14.61 -7.69 -10.96
C THR A 239 -14.92 -7.06 -9.62
N PRO A 240 -14.08 -6.13 -9.14
CA PRO A 240 -14.44 -5.42 -7.90
C PRO A 240 -15.66 -4.53 -8.05
N TYR A 241 -16.14 -4.31 -9.28
CA TYR A 241 -17.22 -3.37 -9.53
C TYR A 241 -18.53 -4.03 -9.93
N ASP A 242 -18.51 -5.29 -10.37
CA ASP A 242 -19.71 -6.01 -10.79
C ASP A 242 -19.68 -7.41 -10.19
N ILE A 243 -20.78 -7.80 -9.56
CA ILE A 243 -20.99 -9.18 -9.16
C ILE A 243 -21.63 -9.89 -10.36
N ARG A 244 -20.82 -10.60 -11.13
CA ARG A 244 -21.34 -11.43 -12.21
C ARG A 244 -21.74 -12.81 -11.72
N ASN A 245 -21.14 -13.28 -10.65
CA ASN A 245 -21.35 -14.64 -10.16
C ASN A 245 -21.29 -14.61 -8.65
N PRO A 246 -22.43 -14.59 -7.95
CA PRO A 246 -22.40 -14.55 -6.49
C PRO A 246 -21.94 -15.84 -5.84
N SER A 247 -21.73 -16.90 -6.62
CA SER A 247 -21.21 -18.14 -6.09
C SER A 247 -19.69 -18.24 -6.21
N ARG A 248 -19.00 -17.14 -6.52
CA ARG A 248 -17.56 -17.16 -6.74
C ARG A 248 -16.91 -15.94 -6.12
N TRP A 249 -15.61 -16.06 -5.85
CA TRP A 249 -14.90 -15.00 -5.14
C TRP A 249 -14.97 -13.69 -5.91
N GLN A 250 -15.08 -12.59 -5.16
CA GLN A 250 -14.99 -11.27 -5.73
C GLN A 250 -13.94 -10.47 -4.96
N PRO A 251 -12.98 -9.84 -5.63
CA PRO A 251 -12.00 -9.03 -4.89
C PRO A 251 -12.64 -7.76 -4.34
N ALA A 252 -12.22 -7.37 -3.15
CA ALA A 252 -12.69 -6.15 -2.53
C ALA A 252 -11.87 -4.97 -3.03
N LEU A 253 -12.54 -3.83 -3.19
CA LEU A 253 -11.88 -2.56 -3.41
C LEU A 253 -11.46 -1.94 -2.07
N VAL A 254 -10.16 -1.65 -1.91
CA VAL A 254 -9.62 -1.27 -0.60
C VAL A 254 -8.81 0.01 -0.70
N SER A 255 -8.84 0.80 0.37
CA SER A 255 -8.09 2.04 0.50
C SER A 255 -7.66 2.22 1.94
N THR A 256 -6.42 2.65 2.12
CA THR A 256 -5.93 2.90 3.47
C THR A 256 -6.45 4.21 4.05
N GLY A 257 -7.01 5.09 3.23
CA GLY A 257 -7.52 6.35 3.69
C GLY A 257 -6.80 7.55 3.12
N ASN A 258 -5.87 7.33 2.19
CA ASN A 258 -5.10 8.39 1.55
C ASN A 258 -5.62 8.75 0.17
N GLY A 259 -6.84 8.36 -0.19
CA GLY A 259 -7.37 8.68 -1.50
C GLY A 259 -6.97 7.74 -2.62
N ILE A 260 -6.12 6.75 -2.35
CA ILE A 260 -5.72 5.73 -3.33
C ILE A 260 -6.59 4.51 -3.09
N PHE A 261 -7.14 3.95 -4.16
CA PHE A 261 -7.96 2.76 -4.05
C PHE A 261 -7.36 1.67 -4.94
N THR A 262 -7.38 0.44 -4.44
CA THR A 262 -6.87 -0.71 -5.18
C THR A 262 -7.78 -1.90 -4.99
N ALA A 263 -7.82 -2.75 -6.01
CA ALA A 263 -8.59 -3.97 -5.94
C ALA A 263 -7.68 -5.11 -5.51
N GLN A 264 -8.20 -5.96 -4.63
CA GLN A 264 -7.49 -7.13 -4.12
C GLN A 264 -7.13 -8.08 -5.24
N SER A 265 -6.07 -8.85 -4.99
CA SER A 265 -5.58 -9.88 -5.91
C SER A 265 -5.30 -11.12 -5.07
N PHE A 266 -5.74 -12.28 -5.56
CA PHE A 266 -5.58 -13.54 -4.84
C PHE A 266 -4.13 -13.75 -4.42
N VAL A 267 -3.85 -13.58 -3.13
CA VAL A 267 -2.50 -13.62 -2.63
C VAL A 267 -1.97 -15.04 -2.74
N THR A 268 -0.69 -15.16 -3.12
CA THR A 268 -0.03 -16.43 -3.37
C THR A 268 -1.00 -17.49 -3.91
N ALA A 269 -1.76 -17.12 -4.95
CA ALA A 269 -2.65 -18.07 -5.61
C ALA A 269 -1.93 -19.36 -6.03
N GLN A 270 -0.62 -19.27 -6.29
CA GLN A 270 0.16 -20.44 -6.68
C GLN A 270 0.47 -21.35 -5.52
N LEU A 271 0.23 -20.93 -4.27
CA LEU A 271 0.67 -21.70 -3.11
C LEU A 271 0.33 -23.19 -3.21
N GLY A 272 -0.85 -23.51 -3.73
CA GLY A 272 -1.28 -24.90 -3.81
C GLY A 272 -0.32 -25.80 -4.57
N ARG A 273 0.52 -25.25 -5.44
CA ARG A 273 1.49 -26.04 -6.18
C ARG A 273 2.85 -26.15 -5.50
N ALA A 274 3.06 -25.47 -4.37
CA ALA A 274 4.35 -25.51 -3.72
C ALA A 274 4.54 -26.83 -2.96
N LYS A 275 5.79 -27.16 -2.67
CA LYS A 275 6.10 -28.46 -2.07
C LYS A 275 5.76 -28.47 -0.59
N PRO A 276 4.90 -29.36 -0.13
CA PRO A 276 4.60 -29.43 1.30
C PRO A 276 5.73 -30.13 2.06
N TYR A 277 5.64 -30.06 3.39
CA TYR A 277 6.57 -30.77 4.26
C TYR A 277 6.05 -32.15 4.63
N SER A 278 4.90 -32.20 5.31
CA SER A 278 4.46 -33.40 6.01
C SER A 278 3.57 -34.31 5.20
N PHE A 279 3.36 -34.01 3.91
CA PHE A 279 2.53 -34.84 3.05
C PHE A 279 2.91 -34.54 1.61
N ALA A 280 2.56 -35.45 0.70
CA ALA A 280 3.04 -35.29 -0.67
C ALA A 280 2.18 -34.34 -1.48
N ASP A 281 0.86 -34.36 -1.28
CA ASP A 281 -0.02 -33.60 -2.17
C ASP A 281 -1.25 -33.03 -1.46
N PRO A 282 -1.52 -31.73 -1.61
CA PRO A 282 -2.74 -31.19 -0.99
C PRO A 282 -4.04 -31.79 -1.55
N LYS A 283 -4.02 -32.38 -2.76
CA LYS A 283 -5.13 -33.17 -3.29
C LYS A 283 -5.80 -34.05 -2.23
N ASP A 284 -5.00 -34.59 -1.31
CA ASP A 284 -5.49 -35.54 -0.33
C ASP A 284 -6.01 -34.85 0.92
N LEU A 285 -6.02 -33.53 0.96
CA LEU A 285 -6.63 -32.76 2.03
C LEU A 285 -7.76 -31.89 1.49
N LEU A 286 -8.44 -32.39 0.46
CA LEU A 286 -9.61 -31.70 -0.06
C LEU A 286 -10.73 -31.76 0.97
N VAL A 287 -11.32 -30.60 1.27
CA VAL A 287 -12.53 -30.55 2.11
C VAL A 287 -13.73 -30.69 1.17
N SER A 288 -14.93 -30.78 1.73
CA SER A 288 -16.11 -30.88 0.88
C SER A 288 -16.46 -29.53 0.25
N LYS A 289 -17.13 -29.60 -0.89
CA LYS A 289 -17.58 -28.40 -1.57
C LYS A 289 -18.40 -27.52 -0.64
N PRO A 290 -18.16 -26.20 -0.63
CA PRO A 290 -18.97 -25.33 0.22
C PRO A 290 -20.34 -25.13 -0.39
N ARG A 291 -21.27 -26.04 -0.12
CA ARG A 291 -22.49 -26.00 -0.93
C ARG A 291 -23.44 -24.89 -0.50
N SER A 292 -23.37 -24.41 0.75
CA SER A 292 -24.19 -23.25 1.08
C SER A 292 -23.71 -21.99 0.37
N SER A 293 -22.53 -21.99 -0.22
CA SER A 293 -22.11 -20.82 -0.99
C SER A 293 -22.54 -20.91 -2.45
N ASN A 294 -23.23 -21.97 -2.85
CA ASN A 294 -23.89 -22.03 -4.17
C ASN A 294 -25.17 -21.21 -4.08
N HIS A 295 -25.21 -20.06 -4.75
CA HIS A 295 -26.36 -19.19 -4.59
C HIS A 295 -27.64 -19.81 -5.15
N ARG A 296 -27.55 -20.85 -5.99
CA ARG A 296 -28.76 -21.56 -6.42
C ARG A 296 -29.38 -22.36 -5.29
N ASN A 297 -28.63 -22.65 -4.22
CA ASN A 297 -29.19 -23.18 -2.97
C ASN A 297 -29.69 -21.98 -2.13
N ARG A 298 -30.77 -21.38 -2.64
CA ARG A 298 -31.17 -20.04 -2.20
C ARG A 298 -31.29 -19.98 -0.69
N ALA A 299 -31.89 -21.00 -0.09
CA ALA A 299 -32.18 -20.93 1.33
C ALA A 299 -30.89 -21.01 2.16
N ALA A 300 -30.03 -22.01 1.87
CA ALA A 300 -28.78 -22.12 2.65
C ALA A 300 -27.82 -20.97 2.37
N TYR A 301 -27.83 -20.44 1.14
CA TYR A 301 -27.02 -19.27 0.80
C TYR A 301 -27.46 -18.05 1.58
N LYS A 302 -28.77 -17.81 1.63
CA LYS A 302 -29.27 -16.64 2.36
C LYS A 302 -29.08 -16.80 3.86
N ARG A 303 -29.23 -18.02 4.37
CA ARG A 303 -29.15 -18.26 5.82
C ARG A 303 -27.77 -17.90 6.37
N GLN A 304 -26.69 -18.39 5.72
CA GLN A 304 -25.35 -18.09 6.22
C GLN A 304 -25.05 -16.59 6.17
N ALA A 305 -25.54 -15.89 5.14
CA ALA A 305 -25.43 -14.43 5.10
C ALA A 305 -26.21 -13.76 6.24
N GLU A 306 -27.40 -14.28 6.56
CA GLU A 306 -28.13 -13.78 7.73
C GLU A 306 -27.32 -13.99 9.01
N GLU A 307 -26.59 -15.09 9.09
CA GLU A 307 -25.76 -15.34 10.27
C GLU A 307 -24.64 -14.31 10.36
N VAL A 308 -24.04 -13.96 9.22
CA VAL A 308 -22.97 -12.97 9.25
C VAL A 308 -23.52 -11.59 9.62
N LEU A 309 -24.72 -11.26 9.16
CA LEU A 309 -25.30 -9.97 9.54
C LEU A 309 -25.67 -9.93 11.02
N ARG A 310 -26.22 -11.02 11.55
CA ARG A 310 -26.53 -11.02 12.98
C ARG A 310 -25.26 -10.84 13.79
N ALA A 311 -24.24 -11.65 13.49
CA ALA A 311 -22.99 -11.56 14.25
C ALA A 311 -22.43 -10.15 14.16
N SER A 312 -22.56 -9.50 12.99
CA SER A 312 -22.14 -8.11 12.84
C SER A 312 -22.99 -7.18 13.70
N ALA A 313 -24.32 -7.30 13.58
CA ALA A 313 -25.25 -6.49 14.36
C ALA A 313 -25.11 -6.70 15.87
N ASN A 314 -24.58 -7.82 16.34
CA ASN A 314 -24.62 -8.14 17.76
C ASN A 314 -23.24 -8.19 18.39
N LEU A 315 -22.25 -7.54 17.79
CA LEU A 315 -20.89 -7.67 18.29
C LEU A 315 -20.76 -7.18 19.72
N THR A 316 -19.97 -7.91 20.52
CA THR A 316 -19.54 -7.46 21.83
C THR A 316 -18.06 -7.10 21.75
N ASP A 317 -17.59 -6.31 22.73
CA ASP A 317 -16.17 -5.99 22.80
C ASP A 317 -15.33 -7.25 22.78
N GLU A 318 -15.77 -8.28 23.51
CA GLU A 318 -14.99 -9.51 23.61
C GLU A 318 -14.95 -10.27 22.29
N GLN A 319 -16.05 -10.26 21.54
CA GLN A 319 -16.01 -10.82 20.19
C GLN A 319 -15.11 -10.00 19.29
N LYS A 320 -15.20 -8.67 19.37
CA LYS A 320 -14.32 -7.83 18.58
C LYS A 320 -12.86 -8.19 18.83
N LEU A 321 -12.47 -8.30 20.09
CA LEU A 321 -11.06 -8.55 20.41
C LEU A 321 -10.66 -9.97 20.04
N LYS A 322 -11.52 -10.96 20.32
CA LYS A 322 -11.18 -12.31 19.92
C LYS A 322 -10.99 -12.40 18.41
N ALA A 323 -11.82 -11.68 17.65
CA ALA A 323 -11.59 -11.57 16.21
C ALA A 323 -10.23 -10.94 15.92
N GLU A 324 -9.91 -9.83 16.59
CA GLU A 324 -8.62 -9.16 16.39
C GLU A 324 -7.45 -10.06 16.77
N PHE A 325 -7.59 -10.83 17.85
CA PHE A 325 -6.54 -11.72 18.32
C PHE A 325 -6.20 -12.78 17.28
N PHE A 326 -7.18 -13.61 16.93
CA PHE A 326 -6.93 -14.69 15.97
C PHE A 326 -6.64 -14.18 14.58
N ASN A 327 -6.89 -12.90 14.30
CA ASN A 327 -6.67 -12.39 12.97
C ASN A 327 -5.23 -11.93 12.74
N ASP A 328 -4.47 -11.60 13.78
CA ASP A 328 -3.07 -11.18 13.65
C ASP A 328 -2.16 -12.30 14.15
N LYS A 329 -1.36 -12.89 13.25
CA LYS A 329 -0.57 -14.08 13.60
C LYS A 329 0.49 -13.76 14.65
N LEU A 330 1.06 -12.56 14.59
CA LEU A 330 2.02 -12.17 15.62
C LEU A 330 1.32 -11.98 16.95
N ILE A 331 0.21 -11.25 16.97
CA ILE A 331 -0.55 -11.09 18.20
C ILE A 331 -0.96 -12.45 18.73
N PHE A 332 -1.40 -13.34 17.85
CA PHE A 332 -1.82 -14.68 18.25
C PHE A 332 -0.68 -15.42 18.96
N ALA A 333 0.49 -15.48 18.32
CA ALA A 333 1.63 -16.17 18.92
C ALA A 333 2.03 -15.55 20.26
N SER A 334 1.85 -14.23 20.42
CA SER A 334 2.21 -13.54 21.67
C SER A 334 1.39 -14.00 22.87
N GLY A 335 0.22 -14.59 22.66
CA GLY A 335 -0.55 -15.13 23.74
C GLY A 335 -0.11 -16.50 24.22
N PHE A 336 0.98 -17.03 23.66
CA PHE A 336 1.47 -18.39 23.90
C PHE A 336 2.67 -18.44 24.85
N MET A 337 2.99 -17.35 25.54
CA MET A 337 4.21 -17.38 26.34
C MET A 337 4.06 -18.21 27.62
N GLY A 338 2.87 -18.77 27.88
CA GLY A 338 2.64 -19.75 28.92
C GLY A 338 2.77 -21.20 28.50
N GLU A 339 3.03 -21.46 27.21
CA GLU A 339 3.30 -22.80 26.69
C GLU A 339 4.80 -23.08 26.50
N ILE A 340 5.67 -22.10 26.68
CA ILE A 340 7.06 -22.18 26.24
C ILE A 340 7.90 -22.97 27.24
N SER A 341 8.57 -24.01 26.76
CA SER A 341 9.43 -24.79 27.62
C SER A 341 10.69 -24.01 28.00
N ASP A 342 11.27 -24.39 29.14
CA ASP A 342 12.53 -23.81 29.61
C ASP A 342 13.74 -24.50 29.01
N ASP A 343 13.57 -25.68 28.43
CA ASP A 343 14.66 -26.33 27.71
C ASP A 343 14.70 -25.79 26.29
N LEU A 344 15.89 -25.37 25.85
CA LEU A 344 15.95 -24.70 24.55
C LEU A 344 15.68 -25.68 23.42
N MET A 345 16.26 -26.87 23.50
CA MET A 345 16.01 -27.91 22.51
C MET A 345 14.52 -28.26 22.42
N GLU A 346 13.84 -28.34 23.57
CA GLU A 346 12.40 -28.62 23.56
C GLU A 346 11.62 -27.50 22.87
N PHE A 347 11.88 -26.26 23.29
CA PHE A 347 11.28 -25.11 22.62
C PHE A 347 11.47 -25.20 21.10
N ILE A 348 12.69 -25.52 20.65
CA ILE A 348 12.96 -25.57 19.22
C ILE A 348 12.12 -26.65 18.55
N HIS A 349 12.08 -27.85 19.15
CA HIS A 349 11.35 -28.97 18.56
C HIS A 349 9.84 -28.70 18.52
N SER A 350 9.27 -28.14 19.59
CA SER A 350 7.86 -27.75 19.56
C SER A 350 7.61 -26.65 18.54
N ALA A 351 8.47 -25.64 18.50
CA ALA A 351 8.22 -24.54 17.58
C ALA A 351 8.31 -25.01 16.14
N THR A 352 9.19 -25.98 15.86
CA THR A 352 9.34 -26.50 14.51
C THR A 352 8.08 -27.21 14.06
N ALA A 353 7.54 -28.07 14.90
CA ALA A 353 6.33 -28.79 14.54
C ALA A 353 5.13 -27.85 14.43
N SER A 354 5.00 -26.91 15.38
CA SER A 354 3.94 -25.91 15.30
C SER A 354 3.94 -25.19 13.95
N HIS A 355 5.06 -24.60 13.56
CA HIS A 355 5.00 -23.73 12.39
C HIS A 355 5.29 -24.44 11.06
N ILE A 356 5.87 -25.63 11.08
CA ILE A 356 5.75 -26.51 9.91
C ILE A 356 4.29 -26.87 9.68
N ALA A 357 3.56 -27.20 10.76
CA ALA A 357 2.11 -27.37 10.65
C ALA A 357 1.45 -26.13 10.05
N GLY A 358 1.89 -24.94 10.50
CA GLY A 358 1.29 -23.73 9.98
C GLY A 358 1.51 -23.56 8.48
N PHE A 359 2.77 -23.70 8.05
CA PHE A 359 3.09 -23.62 6.64
C PHE A 359 2.26 -24.60 5.83
N ASP A 360 2.30 -25.88 6.22
CA ASP A 360 1.60 -26.94 5.48
C ASP A 360 0.09 -26.73 5.48
N VAL A 361 -0.48 -26.26 6.60
CA VAL A 361 -1.92 -26.09 6.61
C VAL A 361 -2.33 -24.89 5.75
N MET A 362 -1.45 -23.88 5.64
CA MET A 362 -1.73 -22.78 4.73
C MET A 362 -1.71 -23.27 3.29
N LEU A 363 -0.76 -24.15 2.96
CA LEU A 363 -0.70 -24.69 1.61
C LEU A 363 -1.92 -25.53 1.31
N ALA A 364 -2.33 -26.41 2.24
CA ALA A 364 -3.56 -27.15 2.06
C ALA A 364 -4.76 -26.20 1.98
N SER A 365 -4.78 -25.16 2.81
CA SER A 365 -5.90 -24.23 2.75
C SER A 365 -5.96 -23.54 1.39
N TRP A 366 -4.81 -23.12 0.84
CA TRP A 366 -4.81 -22.39 -0.42
C TRP A 366 -5.14 -23.29 -1.60
N TYR A 367 -4.72 -24.55 -1.55
CA TYR A 367 -5.19 -25.51 -2.54
C TYR A 367 -6.71 -25.59 -2.55
N ASN A 368 -7.31 -25.74 -1.37
CA ASN A 368 -8.76 -25.77 -1.26
C ASN A 368 -9.38 -24.45 -1.69
N LYS A 369 -8.78 -23.33 -1.24
CA LYS A 369 -9.36 -22.02 -1.52
C LYS A 369 -9.42 -21.77 -3.02
N ARG A 370 -8.37 -22.16 -3.74
CA ARG A 370 -8.35 -21.91 -5.18
C ARG A 370 -9.29 -22.85 -5.92
N LYS A 371 -9.44 -24.09 -5.44
CA LYS A 371 -10.30 -25.04 -6.11
C LYS A 371 -11.77 -24.60 -6.04
N TYR A 372 -12.21 -24.09 -4.89
CA TYR A 372 -13.61 -23.75 -4.73
C TYR A 372 -13.92 -22.29 -5.00
N ASP A 373 -12.95 -21.40 -4.86
CA ASP A 373 -13.08 -20.01 -5.33
C ASP A 373 -14.38 -19.36 -4.83
N ALA A 374 -14.62 -19.48 -3.57
CA ALA A 374 -15.87 -19.14 -2.89
C ALA A 374 -15.92 -17.66 -2.51
N PRO A 375 -17.13 -17.11 -2.47
CA PRO A 375 -17.29 -15.66 -2.24
C PRO A 375 -17.24 -15.29 -0.76
N ARG A 376 -16.61 -14.14 -0.49
CA ARG A 376 -16.61 -13.61 0.88
C ARG A 376 -18.00 -13.13 1.25
N PRO A 377 -18.28 -12.96 2.54
CA PRO A 377 -19.61 -12.50 2.94
C PRO A 377 -20.08 -11.22 2.26
N PHE A 378 -19.24 -10.20 2.10
CA PHE A 378 -19.74 -8.94 1.54
C PHE A 378 -20.32 -9.15 0.15
N THR A 379 -19.76 -10.09 -0.62
CA THR A 379 -20.28 -10.35 -1.96
C THR A 379 -21.69 -10.93 -1.90
N ALA A 380 -21.94 -11.84 -0.96
CA ALA A 380 -23.30 -12.36 -0.79
C ALA A 380 -24.24 -11.28 -0.28
N ILE A 381 -23.80 -10.50 0.72
CA ILE A 381 -24.67 -9.49 1.30
C ILE A 381 -25.03 -8.42 0.27
N ARG A 382 -24.07 -8.03 -0.57
CA ARG A 382 -24.34 -7.08 -1.64
C ARG A 382 -25.35 -7.65 -2.63
N TYR A 383 -25.23 -8.94 -2.94
CA TYR A 383 -26.09 -9.55 -3.92
C TYR A 383 -27.50 -9.69 -3.39
N LEU A 384 -27.64 -10.25 -2.19
CA LEU A 384 -28.96 -10.57 -1.64
C LEU A 384 -29.72 -9.31 -1.25
N TYR A 385 -29.03 -8.28 -0.77
CA TYR A 385 -29.69 -7.18 -0.10
C TYR A 385 -29.56 -5.87 -0.89
N ALA A 386 -29.40 -5.99 -2.20
CA ALA A 386 -29.25 -4.81 -3.05
C ALA A 386 -30.41 -3.85 -2.87
N GLY A 387 -30.08 -2.57 -2.72
CA GLY A 387 -31.07 -1.53 -2.52
C GLY A 387 -31.65 -1.44 -1.13
N GLN A 388 -31.28 -2.34 -0.22
CA GLN A 388 -31.80 -2.38 1.14
C GLN A 388 -30.81 -1.78 2.13
N LYS A 389 -31.29 -1.53 3.34
CA LYS A 389 -30.51 -0.98 4.44
C LYS A 389 -30.57 -1.97 5.59
N LEU A 390 -29.43 -2.28 6.19
CA LEU A 390 -29.35 -3.41 7.10
C LEU A 390 -29.03 -2.96 8.51
N ARG A 391 -29.48 -3.74 9.48
CA ARG A 391 -28.97 -3.63 10.84
C ARG A 391 -27.61 -4.31 10.88
N ALA A 392 -26.56 -3.57 11.25
CA ALA A 392 -25.20 -4.08 11.24
C ALA A 392 -24.30 -3.15 12.04
N TRP A 393 -23.09 -3.64 12.32
CA TRP A 393 -22.04 -2.75 12.76
C TRP A 393 -21.89 -1.57 11.79
N GLY A 394 -21.84 -0.37 12.33
CA GLY A 394 -21.75 0.82 11.51
C GLY A 394 -20.35 1.27 11.15
N GLY A 395 -19.34 0.67 11.76
CA GLY A 395 -17.99 1.06 11.48
C GLY A 395 -17.34 1.62 12.73
N PRO A 396 -16.06 2.01 12.63
CA PRO A 396 -15.33 2.51 13.79
C PRO A 396 -16.12 3.51 14.63
N GLY A 397 -16.37 3.13 15.88
CA GLY A 397 -17.03 4.00 16.83
C GLY A 397 -18.50 4.23 16.59
N LYS A 398 -19.12 3.54 15.64
CA LYS A 398 -20.54 3.79 15.39
C LYS A 398 -21.45 2.82 16.14
N GLY A 399 -20.95 1.70 16.64
CA GLY A 399 -21.86 0.70 17.19
C GLY A 399 -22.85 0.21 16.12
N THR A 400 -23.83 -0.55 16.58
CA THR A 400 -24.82 -1.07 15.64
C THR A 400 -25.74 0.04 15.16
N VAL A 401 -26.08 0.01 13.87
CA VAL A 401 -26.97 0.95 13.22
C VAL A 401 -28.04 0.17 12.47
N ASP A 402 -29.18 0.81 12.24
CA ASP A 402 -30.24 0.15 11.48
C ASP A 402 -30.23 0.50 10.01
N ASP A 403 -29.39 1.44 9.58
CA ASP A 403 -29.48 1.92 8.21
C ASP A 403 -28.15 1.80 7.47
N MET A 404 -27.45 0.68 7.64
CA MET A 404 -26.27 0.38 6.82
C MET A 404 -26.68 0.00 5.41
N PRO A 405 -26.36 0.80 4.39
CA PRO A 405 -26.64 0.36 3.02
C PRO A 405 -25.84 -0.89 2.72
N ALA A 406 -26.52 -1.91 2.17
CA ALA A 406 -25.86 -3.17 1.87
C ALA A 406 -24.61 -2.98 1.02
N GLU A 407 -24.60 -1.93 0.18
CA GLU A 407 -23.44 -1.68 -0.66
C GLU A 407 -22.28 -1.06 0.12
N ASP A 408 -22.50 -0.60 1.34
CA ASP A 408 -21.39 -0.08 2.13
C ASP A 408 -20.95 -1.03 3.24
N TRP A 409 -21.72 -2.09 3.50
CA TRP A 409 -21.44 -2.98 4.61
C TRP A 409 -20.02 -3.53 4.50
N GLN A 410 -19.32 -3.54 5.62
CA GLN A 410 -18.00 -4.14 5.72
C GLN A 410 -17.96 -5.10 6.88
N SER A 411 -17.11 -6.12 6.75
CA SER A 411 -16.74 -6.93 7.90
C SER A 411 -16.14 -6.05 8.99
N TYR A 412 -16.18 -6.54 10.22
CA TYR A 412 -15.48 -5.83 11.30
C TYR A 412 -13.98 -5.83 11.04
N LEU A 413 -13.39 -7.02 10.88
CA LEU A 413 -12.02 -7.14 10.40
C LEU A 413 -11.95 -6.77 8.91
N GLN A 414 -10.78 -6.32 8.47
CA GLN A 414 -10.54 -6.17 7.05
C GLN A 414 -10.55 -7.55 6.38
N VAL A 415 -11.42 -7.74 5.39
CA VAL A 415 -11.51 -9.02 4.72
C VAL A 415 -10.27 -9.21 3.84
N SER A 416 -9.66 -10.41 3.91
CA SER A 416 -8.37 -10.61 3.25
C SER A 416 -8.51 -10.88 1.76
N ASP A 417 -7.37 -10.83 1.08
CA ASP A 417 -7.29 -10.89 -0.38
C ASP A 417 -7.20 -12.33 -0.89
N HIS A 418 -8.20 -13.16 -0.58
CA HIS A 418 -8.28 -14.50 -1.16
C HIS A 418 -9.70 -15.03 -0.98
N PRO A 419 -10.07 -16.05 -1.77
CA PRO A 419 -11.42 -16.65 -1.66
C PRO A 419 -11.73 -17.12 -0.24
N GLU A 420 -13.04 -17.32 0.01
CA GLU A 420 -13.58 -17.45 1.36
C GLU A 420 -13.39 -18.84 1.97
N TYR A 421 -13.36 -19.90 1.18
CA TYR A 421 -13.59 -21.21 1.75
C TYR A 421 -12.46 -22.17 1.42
N PRO A 422 -11.85 -22.82 2.43
CA PRO A 422 -12.19 -22.68 3.86
C PRO A 422 -11.43 -21.54 4.53
N SER A 423 -11.38 -21.50 5.86
CA SER A 423 -10.70 -20.42 6.58
C SER A 423 -9.25 -20.80 6.87
N GLY A 424 -8.33 -19.98 6.39
CA GLY A 424 -6.92 -20.25 6.66
C GLY A 424 -6.57 -20.00 8.11
N SER A 425 -7.08 -18.93 8.72
CA SER A 425 -6.75 -18.67 10.12
C SER A 425 -7.20 -19.82 11.00
N THR A 426 -8.41 -20.35 10.75
CA THR A 426 -8.98 -21.41 11.58
C THR A 426 -8.22 -22.71 11.39
N ALA A 427 -7.80 -23.00 10.17
CA ALA A 427 -7.05 -24.23 9.96
C ALA A 427 -5.70 -24.16 10.65
N PHE A 428 -5.13 -22.96 10.78
CA PHE A 428 -3.89 -22.77 11.51
C PHE A 428 -4.11 -22.89 13.02
N CYS A 429 -5.17 -22.26 13.56
CA CYS A 429 -5.60 -22.48 14.94
C CYS A 429 -5.72 -23.97 15.24
N ALA A 430 -6.50 -24.70 14.44
CA ALA A 430 -6.71 -26.13 14.72
C ALA A 430 -5.40 -26.92 14.62
N ALA A 431 -4.60 -26.66 13.58
CA ALA A 431 -3.31 -27.37 13.46
C ALA A 431 -2.43 -27.08 14.66
N GLN A 432 -2.41 -25.83 15.10
CA GLN A 432 -1.59 -25.47 16.24
C GLN A 432 -2.10 -26.14 17.53
N ALA A 433 -3.42 -26.30 17.65
CA ALA A 433 -3.95 -26.95 18.84
C ALA A 433 -3.73 -28.45 18.78
N GLU A 434 -3.90 -29.06 17.61
CA GLU A 434 -3.51 -30.46 17.45
C GLU A 434 -2.06 -30.67 17.90
N VAL A 435 -1.14 -29.82 17.42
CA VAL A 435 0.26 -29.95 17.83
C VAL A 435 0.41 -29.65 19.30
N GLY A 436 -0.35 -28.68 19.80
CA GLY A 436 -0.29 -28.38 21.22
C GLY A 436 -0.67 -29.57 22.07
N LYS A 437 -1.76 -30.25 21.70
CA LYS A 437 -2.20 -31.44 22.43
C LYS A 437 -1.13 -32.52 22.41
N LEU A 438 -0.50 -32.74 21.26
CA LEU A 438 0.47 -33.83 21.14
C LEU A 438 1.76 -33.49 21.86
N VAL A 439 2.01 -32.23 22.13
CA VAL A 439 3.21 -31.85 22.86
C VAL A 439 2.98 -32.00 24.37
N GLY A 440 1.85 -31.50 24.87
CA GLY A 440 1.55 -31.53 26.28
C GLY A 440 0.70 -32.68 26.77
N GLY A 441 0.35 -33.63 25.90
CA GLY A 441 -0.36 -34.83 26.32
C GLY A 441 -1.85 -34.67 26.59
N GLY A 442 -2.40 -33.47 26.55
CA GLY A 442 -3.82 -33.32 26.85
C GLY A 442 -4.36 -32.04 26.26
N ASP A 443 -5.63 -31.79 26.55
CA ASP A 443 -6.29 -30.61 26.03
C ASP A 443 -5.94 -29.34 26.80
N ARG A 444 -5.18 -29.45 27.88
CA ARG A 444 -4.85 -28.30 28.72
C ARG A 444 -3.89 -27.33 28.02
N THR A 445 -4.17 -26.03 28.15
CA THR A 445 -3.23 -25.00 27.72
C THR A 445 -3.46 -23.75 28.55
N ASP A 446 -2.69 -22.71 28.23
CA ASP A 446 -2.81 -21.40 28.90
C ASP A 446 -2.48 -20.34 27.86
N ILE A 447 -3.52 -19.80 27.23
CA ILE A 447 -3.40 -18.80 26.17
C ILE A 447 -4.11 -17.55 26.67
N ARG A 448 -3.44 -16.39 26.52
CA ARG A 448 -3.87 -15.17 27.19
C ARG A 448 -3.81 -13.99 26.22
N TYR A 449 -4.76 -13.06 26.36
CA TYR A 449 -4.76 -11.84 25.57
C TYR A 449 -5.28 -10.71 26.44
N ASP A 450 -4.50 -9.66 26.57
CA ASP A 450 -4.84 -8.52 27.42
C ASP A 450 -4.81 -7.26 26.58
N VAL A 451 -5.95 -6.56 26.50
CA VAL A 451 -6.03 -5.34 25.73
C VAL A 451 -6.56 -4.24 26.63
N GLU A 452 -5.78 -3.17 26.76
CA GLU A 452 -6.21 -2.01 27.49
C GLU A 452 -7.43 -1.37 26.82
N LYS A 453 -8.18 -0.61 27.60
CA LYS A 453 -9.24 0.25 27.08
C LYS A 453 -8.77 0.98 25.83
N GLY A 454 -9.58 0.93 24.78
CA GLY A 454 -9.27 1.60 23.53
C GLY A 454 -8.11 1.02 22.73
N GLY A 455 -7.55 -0.12 23.15
CA GLY A 455 -6.42 -0.72 22.47
C GLY A 455 -6.72 -1.47 21.19
N SER A 456 -7.97 -1.55 20.76
CA SER A 456 -8.30 -2.31 19.55
C SER A 456 -7.59 -1.70 18.35
N TYR A 457 -7.24 -2.54 17.38
CA TYR A 457 -6.65 -1.99 16.17
C TYR A 457 -7.68 -1.74 15.06
N ILE A 458 -8.93 -2.14 15.26
CA ILE A 458 -10.02 -1.72 14.36
C ILE A 458 -10.69 -0.46 14.86
N GLU A 459 -11.00 -0.40 16.17
CA GLU A 459 -11.68 0.76 16.74
C GLU A 459 -10.81 1.40 17.82
N PRO A 460 -9.57 1.79 17.51
CA PRO A 460 -8.72 2.42 18.53
C PRO A 460 -9.44 3.61 19.16
N GLY A 461 -9.41 3.69 20.49
CA GLY A 461 -10.12 4.71 21.24
C GLY A 461 -11.54 4.37 21.64
N VAL A 462 -12.12 3.30 21.11
CA VAL A 462 -13.51 2.92 21.38
C VAL A 462 -13.61 1.52 21.96
N THR A 463 -12.83 0.60 21.42
CA THR A 463 -12.90 -0.78 21.80
C THR A 463 -11.58 -1.23 22.40
N PRO A 464 -11.59 -1.98 23.51
CA PRO A 464 -12.77 -2.25 24.32
C PRO A 464 -13.14 -1.02 25.15
N ALA A 465 -14.34 -1.01 25.75
CA ALA A 465 -14.76 0.10 26.58
C ALA A 465 -14.01 0.12 27.91
N LYS A 466 -13.69 -1.05 28.44
CA LYS A 466 -12.92 -1.20 29.67
C LYS A 466 -11.85 -2.27 29.44
N ASP A 467 -10.83 -2.22 30.29
CA ASP A 467 -9.72 -3.16 30.18
C ASP A 467 -10.22 -4.59 30.17
N THR A 468 -9.61 -5.41 29.33
CA THR A 468 -10.12 -6.73 29.03
C THR A 468 -9.01 -7.77 29.16
N SER A 469 -9.34 -8.89 29.80
CA SER A 469 -8.48 -10.08 29.82
C SER A 469 -9.27 -11.24 29.24
N ILE A 470 -8.69 -11.92 28.26
CA ILE A 470 -9.29 -13.11 27.68
C ILE A 470 -8.30 -14.25 27.85
N ARG A 471 -8.80 -15.38 28.37
CA ARG A 471 -7.97 -16.53 28.70
C ARG A 471 -8.62 -17.78 28.15
N TRP A 472 -7.80 -18.64 27.57
CA TRP A 472 -8.21 -19.98 27.20
C TRP A 472 -7.36 -20.97 27.99
N THR A 473 -7.98 -22.06 28.45
CA THR A 473 -7.29 -23.13 29.12
C THR A 473 -7.49 -24.48 28.45
N ASP A 474 -8.28 -24.54 27.40
CA ASP A 474 -8.51 -25.77 26.65
C ASP A 474 -8.25 -25.52 25.16
N TRP A 475 -7.38 -26.35 24.58
CA TRP A 475 -7.06 -26.23 23.17
C TRP A 475 -8.31 -26.21 22.29
N ASN A 476 -9.32 -27.01 22.63
CA ASN A 476 -10.49 -27.11 21.75
C ASN A 476 -11.34 -25.86 21.82
N GLU A 477 -11.60 -25.34 23.03
CA GLU A 477 -12.42 -24.13 23.17
C GLU A 477 -11.78 -22.96 22.44
N MET A 478 -10.45 -22.85 22.50
CA MET A 478 -9.75 -21.82 21.74
C MET A 478 -10.03 -21.97 20.25
N VAL A 479 -9.81 -23.17 19.69
CA VAL A 479 -10.16 -23.43 18.29
C VAL A 479 -11.60 -23.01 18.00
N ASP A 480 -12.54 -23.44 18.85
CA ASP A 480 -13.95 -23.10 18.62
C ASP A 480 -14.15 -21.58 18.59
N ASP A 481 -13.52 -20.86 19.51
CA ASP A 481 -13.60 -19.40 19.47
C ASP A 481 -12.97 -18.83 18.20
N CYS A 482 -11.83 -19.38 17.78
CA CYS A 482 -11.20 -18.91 16.56
C CYS A 482 -12.14 -19.05 15.37
N ALA A 483 -12.80 -20.20 15.25
CA ALA A 483 -13.85 -20.36 14.25
C ALA A 483 -14.91 -19.27 14.40
N LYS A 484 -15.48 -19.16 15.60
CA LYS A 484 -16.55 -18.19 15.78
C LYS A 484 -16.09 -16.80 15.41
N SER A 485 -14.84 -16.48 15.74
CA SER A 485 -14.33 -15.12 15.58
C SER A 485 -14.27 -14.67 14.13
N ARG A 486 -14.05 -15.59 13.18
CA ARG A 486 -14.07 -15.18 11.78
C ARG A 486 -15.49 -14.82 11.32
N VAL A 487 -16.51 -15.36 11.97
CA VAL A 487 -17.89 -14.96 11.68
C VAL A 487 -18.18 -13.63 12.35
N TRP A 488 -17.83 -13.49 13.63
CA TRP A 488 -17.88 -12.18 14.27
C TRP A 488 -17.11 -11.16 13.47
N GLY A 489 -15.96 -11.57 12.92
CA GLY A 489 -15.11 -10.67 12.17
C GLY A 489 -15.71 -10.20 10.88
N GLY A 490 -16.70 -10.92 10.37
CA GLY A 490 -17.34 -10.60 9.11
C GLY A 490 -16.71 -11.22 7.88
N VAL A 491 -15.60 -11.95 8.02
CA VAL A 491 -14.84 -12.39 6.86
C VAL A 491 -15.18 -13.82 6.42
N HIS A 492 -15.89 -14.59 7.24
CA HIS A 492 -16.20 -15.97 6.89
C HIS A 492 -17.64 -16.31 7.23
N PHE A 493 -18.23 -17.19 6.42
CA PHE A 493 -19.43 -17.88 6.82
C PHE A 493 -19.07 -18.99 7.80
N LYS A 494 -20.10 -19.53 8.47
CA LYS A 494 -19.85 -20.57 9.45
C LYS A 494 -19.17 -21.79 8.83
N ALA A 495 -19.54 -22.15 7.60
CA ALA A 495 -19.12 -23.42 7.05
C ALA A 495 -17.60 -23.46 6.89
N ALA A 496 -17.01 -22.36 6.40
CA ALA A 496 -15.56 -22.28 6.22
C ALA A 496 -14.82 -22.59 7.51
N THR A 497 -15.26 -22.00 8.62
CA THR A 497 -14.60 -22.23 9.90
C THR A 497 -14.79 -23.66 10.38
N GLU A 498 -15.96 -24.25 10.10
CA GLU A 498 -16.19 -25.63 10.53
C GLU A 498 -15.31 -26.59 9.74
N ALA A 499 -15.20 -26.38 8.44
CA ALA A 499 -14.38 -27.26 7.61
C ALA A 499 -12.91 -27.15 7.99
N SER A 500 -12.49 -26.02 8.53
CA SER A 500 -11.08 -25.85 8.86
C SER A 500 -10.70 -26.54 10.15
N LYS A 501 -11.66 -26.93 10.98
CA LYS A 501 -11.32 -27.66 12.20
C LYS A 501 -10.71 -29.03 11.89
N GLY A 502 -11.37 -29.83 11.06
CA GLY A 502 -10.80 -31.12 10.71
C GLY A 502 -9.54 -30.98 9.87
N LEU A 503 -9.54 -30.01 8.95
CA LEU A 503 -8.38 -29.77 8.10
C LEU A 503 -7.15 -29.45 8.93
N GLY A 504 -7.30 -28.54 9.90
CA GLY A 504 -6.17 -28.19 10.74
C GLY A 504 -5.70 -29.37 11.58
N ALA A 505 -6.65 -30.07 12.18
CA ALA A 505 -6.34 -31.26 12.97
C ALA A 505 -5.44 -32.22 12.21
N LYS A 506 -5.78 -32.52 10.95
CA LYS A 506 -5.00 -33.49 10.18
C LYS A 506 -3.59 -32.99 9.93
N VAL A 507 -3.43 -31.76 9.42
CA VAL A 507 -2.09 -31.28 9.12
C VAL A 507 -1.28 -31.11 10.39
N GLY A 508 -1.94 -30.77 11.49
CA GLY A 508 -1.22 -30.59 12.73
C GLY A 508 -0.67 -31.90 13.25
N GLU A 509 -1.42 -32.98 13.07
CA GLU A 509 -0.87 -34.25 13.48
C GLU A 509 0.20 -34.72 12.49
N SER A 510 -0.04 -34.53 11.18
CA SER A 510 0.92 -35.03 10.20
C SER A 510 2.25 -34.30 10.30
N SER A 511 2.23 -33.00 10.63
CA SER A 511 3.48 -32.28 10.86
C SER A 511 4.12 -32.68 12.17
N TYR A 512 3.32 -33.00 13.19
CA TYR A 512 3.89 -33.54 14.43
C TYR A 512 4.62 -34.85 14.16
N ARG A 513 3.99 -35.77 13.41
CA ARG A 513 4.65 -37.04 13.12
C ARG A 513 5.84 -36.86 12.21
N TYR A 514 5.81 -35.84 11.35
CA TYR A 514 6.92 -35.58 10.44
C TYR A 514 8.14 -35.13 11.21
N VAL A 515 7.95 -34.21 12.15
CA VAL A 515 9.08 -33.69 12.91
C VAL A 515 9.56 -34.72 13.92
N GLN A 516 8.61 -35.43 14.54
CA GLN A 516 8.97 -36.43 15.54
C GLN A 516 9.80 -37.55 14.93
N SER A 517 9.47 -37.95 13.71
CA SER A 517 10.33 -38.89 13.00
C SER A 517 11.75 -38.36 12.88
N HIS A 518 11.90 -37.11 12.43
CA HIS A 518 13.22 -36.53 12.29
C HIS A 518 13.93 -36.44 13.64
N ILE A 519 13.21 -36.01 14.67
CA ILE A 519 13.76 -36.00 16.03
C ILE A 519 14.36 -37.36 16.37
N GLU A 520 13.64 -38.43 16.03
CA GLU A 520 14.02 -39.78 16.36
C GLU A 520 15.03 -40.37 15.39
N GLY A 521 15.61 -39.56 14.50
CA GLY A 521 16.65 -40.03 13.61
C GLY A 521 16.18 -40.58 12.28
N LYS A 522 14.88 -40.51 11.98
CA LYS A 522 14.33 -41.09 10.76
C LYS A 522 13.98 -39.98 9.78
N GLN A 523 14.79 -39.85 8.72
CA GLN A 523 14.46 -39.01 7.58
C GLN A 523 13.21 -39.51 6.88
N VAL A 524 12.18 -38.64 6.77
CA VAL A 524 10.95 -38.99 6.05
C VAL A 524 10.52 -37.86 5.15
N GLY A 525 9.94 -38.21 4.00
CA GLY A 525 9.56 -37.22 3.02
C GLY A 525 10.62 -37.01 1.96
N SER A 526 10.48 -35.89 1.22
CA SER A 526 11.32 -35.64 0.06
C SER A 526 12.01 -34.27 0.08
N MET A 527 12.09 -33.60 1.23
CA MET A 527 12.91 -32.39 1.30
C MET A 527 14.36 -32.69 0.98
N ARG A 528 14.80 -33.93 1.19
CA ARG A 528 16.14 -34.37 0.83
C ARG A 528 16.13 -35.90 0.70
N ALA B 71 13.92 28.20 14.69
CA ALA B 71 15.04 29.10 14.40
C ALA B 71 14.68 30.04 13.25
N PHE B 72 13.46 30.54 13.29
CA PHE B 72 12.83 31.21 12.15
C PHE B 72 12.62 32.68 12.46
N ASP B 73 12.95 33.54 11.49
CA ASP B 73 12.88 35.00 11.61
C ASP B 73 11.60 35.51 10.95
N PHE B 74 10.57 35.74 11.75
CA PHE B 74 9.28 36.24 11.24
C PHE B 74 9.42 37.54 10.43
N THR B 75 10.43 38.36 10.73
CA THR B 75 10.55 39.65 10.03
C THR B 75 11.34 39.57 8.72
N GLU B 76 12.08 38.50 8.45
CA GLU B 76 12.83 38.40 7.19
C GLU B 76 12.67 37.07 6.45
N GLY B 77 12.25 35.99 7.11
CA GLY B 77 12.14 34.71 6.45
C GLY B 77 10.79 34.50 5.74
N ASN B 78 10.68 33.33 5.11
CA ASN B 78 9.49 32.91 4.38
C ASN B 78 8.87 31.69 5.05
N SER B 79 7.65 31.85 5.56
CA SER B 79 6.88 30.74 6.12
C SER B 79 6.92 29.51 5.22
N ALA B 80 6.54 29.68 3.96
CA ALA B 80 6.41 28.56 3.05
C ALA B 80 7.71 27.78 2.95
N LEU B 81 8.81 28.47 2.61
CA LEU B 81 10.06 27.78 2.28
C LEU B 81 10.74 27.22 3.52
N GLU B 82 10.57 27.84 4.68
CA GLU B 82 11.34 27.47 5.86
C GLU B 82 10.56 26.66 6.89
N VAL B 83 9.25 26.89 7.04
CA VAL B 83 8.48 26.29 8.11
C VAL B 83 7.42 25.31 7.59
N ILE B 84 6.71 25.67 6.53
CA ILE B 84 5.55 24.93 6.08
C ILE B 84 5.94 23.82 5.12
N TYR B 85 6.63 24.17 4.04
CA TYR B 85 7.01 23.17 3.04
C TYR B 85 7.85 22.05 3.63
N PRO B 86 8.87 22.30 4.45
CA PRO B 86 9.66 21.18 5.00
C PRO B 86 8.83 20.22 5.84
N ARG B 87 7.61 20.59 6.20
CA ARG B 87 6.74 19.72 6.97
C ARG B 87 5.62 19.12 6.13
N VAL B 88 4.97 19.91 5.29
CA VAL B 88 3.88 19.38 4.48
C VAL B 88 4.41 18.40 3.43
N GLY B 89 5.56 18.70 2.83
CA GLY B 89 6.14 17.84 1.83
C GLY B 89 6.33 16.41 2.28
N PRO B 90 7.12 16.24 3.35
CA PRO B 90 7.33 14.88 3.87
C PRO B 90 6.08 14.19 4.35
N ALA B 91 5.13 14.95 4.90
CA ALA B 91 3.86 14.36 5.30
C ALA B 91 3.10 13.87 4.08
N VAL B 92 3.12 14.64 2.99
CA VAL B 92 2.48 14.19 1.77
C VAL B 92 3.15 12.91 1.24
N ARG B 93 4.47 12.76 1.42
CA ARG B 93 5.12 11.54 0.95
C ARG B 93 4.77 10.35 1.83
N LYS B 94 4.72 10.56 3.15
CA LYS B 94 4.37 9.49 4.08
C LYS B 94 2.93 9.01 3.85
N HIS B 95 2.02 9.96 3.73
CA HIS B 95 0.60 9.66 3.66
C HIS B 95 0.18 9.09 2.30
N ILE B 96 0.62 9.72 1.21
CA ILE B 96 0.07 9.34 -0.09
C ILE B 96 1.02 8.39 -0.80
N ASN B 97 2.26 8.81 -1.00
CA ASN B 97 3.15 8.05 -1.88
C ASN B 97 4.57 8.57 -1.78
N GLN B 98 5.54 7.65 -1.60
CA GLN B 98 6.92 8.08 -1.51
C GLN B 98 7.34 8.86 -2.76
N VAL B 99 6.88 8.43 -3.92
CA VAL B 99 6.94 9.23 -5.14
C VAL B 99 5.72 10.14 -5.21
N ALA B 100 5.94 11.47 -5.24
CA ALA B 100 4.84 12.46 -5.25
C ALA B 100 4.27 12.56 -6.66
N MET B 101 3.51 11.53 -6.99
CA MET B 101 3.12 11.15 -8.33
C MET B 101 1.61 11.18 -8.53
N ASP B 102 0.85 11.37 -7.47
CA ASP B 102 -0.61 11.36 -7.51
C ASP B 102 -1.09 12.80 -7.54
N GLY B 103 -1.07 13.38 -8.75
CA GLY B 103 -1.27 14.80 -8.89
C GLY B 103 -2.58 15.30 -8.31
N THR B 104 -3.66 14.55 -8.50
CA THR B 104 -4.97 15.06 -8.07
C THR B 104 -5.05 15.20 -6.56
N LEU B 105 -4.21 14.50 -5.80
CA LEU B 105 -4.21 14.67 -4.35
C LEU B 105 -3.12 15.64 -3.89
N VAL B 106 -1.94 15.61 -4.51
CA VAL B 106 -0.88 16.56 -4.16
C VAL B 106 -1.32 17.97 -4.50
N LEU B 107 -1.90 18.15 -5.70
CA LEU B 107 -2.30 19.47 -6.15
C LEU B 107 -3.56 19.97 -5.47
N ARG B 108 -4.36 19.09 -4.87
CA ARG B 108 -5.41 19.58 -3.98
C ARG B 108 -4.80 20.26 -2.75
N VAL B 109 -3.84 19.59 -2.11
CA VAL B 109 -3.12 20.19 -0.99
C VAL B 109 -2.46 21.50 -1.43
N SER B 110 -1.80 21.47 -2.59
CA SER B 110 -1.06 22.63 -3.07
C SER B 110 -1.98 23.83 -3.25
N ALA B 111 -3.02 23.68 -4.07
CA ALA B 111 -3.91 24.81 -4.36
C ALA B 111 -4.62 25.30 -3.09
N LEU B 112 -5.08 24.38 -2.25
CA LEU B 112 -5.90 24.81 -1.11
C LEU B 112 -5.06 25.50 -0.04
N MET B 113 -3.85 25.00 0.22
CA MET B 113 -2.98 25.65 1.19
C MET B 113 -2.62 27.07 0.75
N GLU B 114 -2.22 27.20 -0.50
CA GLU B 114 -1.65 28.46 -0.96
C GLU B 114 -2.73 29.49 -1.29
N SER B 115 -3.85 29.07 -1.88
CA SER B 115 -4.96 30.00 -1.97
C SER B 115 -5.47 30.40 -0.60
N SER B 116 -5.22 29.59 0.44
CA SER B 116 -5.54 30.04 1.79
C SER B 116 -4.59 31.15 2.24
N TRP B 117 -3.30 31.08 1.83
CA TRP B 117 -2.35 32.17 2.03
C TRP B 117 -2.84 33.45 1.38
N PHE B 118 -3.26 33.33 0.11
CA PHE B 118 -3.71 34.48 -0.66
C PHE B 118 -4.86 35.16 0.05
N ASP B 119 -5.80 34.37 0.59
CA ASP B 119 -6.92 34.94 1.33
C ASP B 119 -6.51 35.41 2.71
N ALA B 120 -5.44 34.84 3.27
CA ALA B 120 -5.02 35.28 4.61
C ALA B 120 -4.41 36.67 4.54
N THR B 121 -3.75 36.97 3.43
CA THR B 121 -2.94 38.16 3.30
C THR B 121 -3.56 39.22 2.39
N ALA B 122 -4.65 38.89 1.69
CA ALA B 122 -5.28 39.87 0.81
C ALA B 122 -5.62 41.19 1.51
N PRO B 123 -6.14 41.21 2.74
CA PRO B 123 -6.34 42.51 3.42
C PRO B 123 -5.07 43.37 3.55
N TYR B 124 -3.86 42.79 3.52
CA TYR B 124 -2.62 43.54 3.63
C TYR B 124 -2.13 44.14 2.31
N HIS B 125 -2.69 43.69 1.19
CA HIS B 125 -2.49 44.27 -0.12
C HIS B 125 -3.45 45.45 -0.29
N PRO B 126 -3.06 46.48 -1.05
CA PRO B 126 -3.93 47.67 -1.14
C PRO B 126 -5.31 47.37 -1.69
N THR B 127 -5.45 46.39 -2.59
CA THR B 127 -6.72 46.13 -3.24
C THR B 127 -7.21 44.68 -3.24
N ALA B 128 -6.35 43.70 -2.95
CA ALA B 128 -6.69 42.30 -3.15
C ALA B 128 -7.92 41.88 -2.36
N VAL B 129 -8.81 41.13 -2.99
CA VAL B 129 -9.92 40.53 -2.26
C VAL B 129 -9.78 39.01 -2.35
N GLY B 130 -10.27 38.33 -1.33
CA GLY B 130 -10.03 36.90 -1.24
C GLY B 130 -10.85 36.09 -2.22
N ILE B 131 -10.43 34.84 -2.42
CA ILE B 131 -11.14 33.92 -3.30
C ILE B 131 -12.28 33.23 -2.56
N HIS B 132 -11.98 32.61 -1.42
CA HIS B 132 -13.02 31.94 -0.66
C HIS B 132 -13.64 32.84 0.39
N SER B 133 -13.07 34.01 0.66
CA SER B 133 -13.70 34.93 1.60
C SER B 133 -13.39 36.36 1.20
N ASP B 134 -14.17 37.26 1.78
CA ASP B 134 -13.91 38.70 1.74
C ASP B 134 -13.63 39.11 3.18
N LEU B 135 -12.37 39.43 3.46
CA LEU B 135 -11.91 39.64 4.83
C LEU B 135 -11.52 41.09 5.12
N GLY B 136 -11.94 42.02 4.27
CA GLY B 136 -11.75 43.41 4.60
C GLY B 136 -10.37 43.92 4.21
N ARG B 137 -9.97 45.00 4.85
CA ARG B 137 -8.76 45.74 4.50
C ARG B 137 -8.03 46.09 5.79
N ARG B 138 -6.72 46.03 5.73
CA ARG B 138 -5.85 46.37 6.83
C ARG B 138 -5.04 47.60 6.45
N PRO B 139 -4.70 48.45 7.42
CA PRO B 139 -3.82 49.58 7.13
C PRO B 139 -2.51 49.12 6.53
N ALA B 140 -1.99 49.89 5.55
CA ALA B 140 -0.72 49.54 4.93
C ALA B 140 0.39 49.38 5.96
N SER B 141 0.31 50.09 7.08
CA SER B 141 1.34 49.94 8.11
C SER B 141 1.39 48.51 8.65
N GLU B 142 0.30 47.75 8.54
CA GLU B 142 0.29 46.39 9.07
C GLU B 142 0.80 45.34 8.10
N ALA B 143 1.05 45.71 6.84
CA ALA B 143 1.54 44.77 5.84
C ALA B 143 3.02 44.46 6.04
N THR B 144 3.34 43.96 7.24
CA THR B 144 4.69 43.51 7.52
C THR B 144 4.89 42.05 7.16
N GLN B 145 6.15 41.70 6.88
CA GLN B 145 6.54 40.31 6.71
C GLN B 145 6.08 39.46 7.89
N LYS B 146 6.35 39.93 9.11
CA LYS B 146 5.90 39.22 10.30
C LYS B 146 4.42 38.87 10.21
N ASN B 147 3.58 39.84 9.84
CA ASN B 147 2.14 39.62 9.85
C ASN B 147 1.68 38.69 8.73
N LEU B 148 2.29 38.81 7.54
CA LEU B 148 2.00 37.86 6.47
C LEU B 148 2.28 36.44 6.91
N ASN B 149 3.52 36.17 7.35
CA ASN B 149 3.91 34.83 7.81
C ASN B 149 2.95 34.31 8.85
N THR B 150 2.60 35.14 9.83
CA THR B 150 1.65 34.69 10.86
C THR B 150 0.31 34.32 10.25
N ALA B 151 -0.15 35.08 9.25
CA ALA B 151 -1.42 34.74 8.62
C ALA B 151 -1.29 33.47 7.80
N MET B 152 -0.22 33.35 7.02
CA MET B 152 0.07 32.11 6.30
C MET B 152 0.01 30.89 7.21
N LEU B 153 0.74 30.94 8.33
CA LEU B 153 0.84 29.75 9.17
C LEU B 153 -0.51 29.34 9.72
N TYR B 154 -1.37 30.30 10.03
CA TYR B 154 -2.63 29.90 10.63
C TYR B 154 -3.62 29.41 9.57
N SER B 155 -3.61 30.01 8.38
CA SER B 155 -4.47 29.47 7.33
C SER B 155 -4.04 28.05 6.98
N THR B 156 -2.75 27.86 6.68
CA THR B 156 -2.20 26.52 6.49
C THR B 156 -2.66 25.55 7.58
N TYR B 157 -2.51 25.95 8.85
CA TYR B 157 -2.93 25.08 9.95
C TYR B 157 -4.35 24.57 9.77
N ARG B 158 -5.29 25.47 9.43
CA ARG B 158 -6.68 25.04 9.27
C ARG B 158 -6.88 24.18 8.04
N VAL B 159 -6.13 24.42 6.97
CA VAL B 159 -6.31 23.65 5.76
C VAL B 159 -5.72 22.24 5.92
N MET B 160 -4.52 22.15 6.49
CA MET B 160 -3.93 20.83 6.71
C MET B 160 -4.72 20.04 7.74
N GLN B 161 -5.26 20.70 8.76
CA GLN B 161 -6.05 19.96 9.74
C GLN B 161 -7.27 19.33 9.08
N SER B 162 -7.81 19.98 8.06
CA SER B 162 -8.91 19.44 7.28
C SER B 162 -8.45 18.35 6.32
N LEU B 163 -7.46 18.65 5.48
CA LEU B 163 -7.07 17.69 4.45
C LEU B 163 -6.42 16.45 5.03
N MET B 164 -5.62 16.61 6.08
CA MET B 164 -4.86 15.52 6.68
C MET B 164 -5.01 15.52 8.19
N PRO B 165 -6.21 15.22 8.70
CA PRO B 165 -6.42 15.27 10.16
C PRO B 165 -5.56 14.28 10.94
N THR B 166 -5.11 13.19 10.35
CA THR B 166 -4.30 12.28 11.14
C THR B 166 -2.89 12.81 11.37
N TYR B 167 -2.52 13.96 10.79
CA TYR B 167 -1.25 14.59 11.07
C TYR B 167 -1.42 15.77 12.02
N ASP B 168 -2.46 15.71 12.86
CA ASP B 168 -2.71 16.67 13.93
C ASP B 168 -1.42 17.11 14.64
N ALA B 169 -0.65 16.14 15.15
CA ALA B 169 0.58 16.48 15.88
C ALA B 169 1.56 17.23 14.99
N GLN B 170 1.63 16.87 13.72
CA GLN B 170 2.56 17.57 12.83
C GLN B 170 2.13 19.01 12.60
N TRP B 171 0.84 19.24 12.33
CA TRP B 171 0.37 20.60 12.11
C TRP B 171 0.48 21.44 13.37
N ARG B 172 0.16 20.84 14.52
CA ARG B 172 0.37 21.53 15.79
C ARG B 172 1.84 21.89 15.98
N GLU B 173 2.74 20.93 15.74
CA GLU B 173 4.16 21.21 15.89
C GLU B 173 4.62 22.26 14.88
N MET B 174 3.98 22.31 13.71
CA MET B 174 4.30 23.35 12.73
C MET B 174 4.16 24.75 13.32
N LEU B 175 3.17 24.95 14.20
CA LEU B 175 2.92 26.24 14.84
C LEU B 175 3.72 26.44 16.12
N THR B 176 3.76 25.41 17.00
CA THR B 176 4.52 25.55 18.25
C THR B 176 6.02 25.73 17.99
N SER B 177 6.53 25.26 16.85
CA SER B 177 7.96 25.31 16.57
C SER B 177 8.45 26.70 16.15
N VAL B 178 7.54 27.66 15.92
CA VAL B 178 8.00 29.01 15.67
C VAL B 178 7.29 29.94 16.64
N GLY B 179 6.64 29.37 17.64
CA GLY B 179 6.10 30.12 18.75
C GLY B 179 4.63 30.46 18.71
N LEU B 180 3.85 29.79 17.86
CA LEU B 180 2.43 30.12 17.70
C LEU B 180 1.58 29.11 18.46
N ASP B 181 0.43 29.58 18.98
CA ASP B 181 -0.47 28.69 19.72
C ASP B 181 -1.42 28.00 18.75
N PRO B 182 -1.29 26.69 18.54
CA PRO B 182 -2.26 25.97 17.69
C PRO B 182 -3.66 25.93 18.25
N ASP B 183 -3.88 26.36 19.49
CA ASP B 183 -5.23 26.39 20.04
C ASP B 183 -5.88 27.77 19.96
N ASP B 184 -5.22 28.75 19.34
CA ASP B 184 -5.82 30.07 19.16
C ASP B 184 -6.93 29.95 18.12
N ASP B 185 -8.19 30.03 18.59
CA ASP B 185 -9.38 29.98 17.74
C ASP B 185 -9.72 31.29 17.05
N SER B 186 -8.98 32.37 17.32
CA SER B 186 -9.41 33.73 16.98
C SER B 186 -9.81 33.84 15.52
N THR B 187 -10.83 34.66 15.27
CA THR B 187 -11.26 35.04 13.91
C THR B 187 -11.32 36.56 13.76
N ASP B 188 -10.59 37.30 14.60
CA ASP B 188 -10.60 38.76 14.60
C ASP B 188 -9.85 39.24 13.37
N ARG B 189 -10.57 39.86 12.42
CA ARG B 189 -9.92 40.19 11.16
C ARG B 189 -8.99 41.36 11.27
N THR B 190 -8.70 41.93 12.43
CA THR B 190 -7.66 42.94 12.55
C THR B 190 -6.30 42.36 12.97
N THR B 191 -6.24 41.05 13.28
CA THR B 191 -5.00 40.41 13.72
C THR B 191 -4.53 39.38 12.69
N PRO B 192 -3.22 39.23 12.50
CA PRO B 192 -2.74 38.18 11.57
C PRO B 192 -3.21 36.78 11.93
N VAL B 193 -3.39 36.51 13.23
CA VAL B 193 -3.89 35.20 13.66
C VAL B 193 -5.32 34.99 13.17
N GLY B 194 -6.22 35.92 13.50
CA GLY B 194 -7.61 35.77 13.11
C GLY B 194 -7.80 35.75 11.60
N LEU B 195 -7.01 36.54 10.86
CA LEU B 195 -7.15 36.52 9.41
C LEU B 195 -6.76 35.15 8.86
N GLY B 196 -5.67 34.56 9.37
CA GLY B 196 -5.26 33.25 8.90
C GLY B 196 -6.29 32.18 9.19
N ASN B 197 -6.80 32.14 10.42
CA ASN B 197 -7.86 31.21 10.79
C ASN B 197 -9.05 31.38 9.87
N ALA B 198 -9.57 32.61 9.77
CA ALA B 198 -10.75 32.89 8.98
C ALA B 198 -10.55 32.49 7.53
N ALA B 199 -9.39 32.84 6.96
CA ALA B 199 -9.14 32.49 5.56
C ALA B 199 -9.08 30.98 5.35
N GLY B 200 -8.42 30.27 6.28
CA GLY B 200 -8.29 28.83 6.12
C GLY B 200 -9.61 28.13 6.38
N ASN B 201 -10.36 28.61 7.38
CA ASN B 201 -11.69 28.11 7.64
C ASN B 201 -12.60 28.23 6.42
N ALA B 202 -12.47 29.34 5.69
CA ALA B 202 -13.30 29.53 4.51
C ALA B 202 -12.94 28.52 3.43
N VAL B 203 -11.64 28.39 3.13
CA VAL B 203 -11.19 27.38 2.17
C VAL B 203 -11.74 26.00 2.54
N VAL B 204 -11.62 25.62 3.81
CA VAL B 204 -12.14 24.35 4.28
C VAL B 204 -13.65 24.25 4.04
N GLU B 205 -14.39 25.27 4.47
CA GLU B 205 -15.85 25.16 4.33
C GLU B 205 -16.27 25.11 2.88
N LYS B 206 -15.56 25.81 1.99
CA LYS B 206 -15.91 25.79 0.58
C LYS B 206 -15.46 24.54 -0.14
N ARG B 207 -14.43 23.85 0.36
CA ARG B 207 -13.78 22.81 -0.42
C ARG B 207 -14.04 21.39 0.08
N GLU B 208 -14.57 21.21 1.30
CA GLU B 208 -14.75 19.86 1.84
C GLU B 208 -15.80 19.09 1.05
N ASN B 209 -16.80 19.78 0.52
CA ASN B 209 -17.91 19.17 -0.19
C ASN B 209 -18.05 19.72 -1.61
N ASP B 210 -16.90 19.90 -2.28
CA ASP B 210 -16.75 20.45 -3.62
C ASP B 210 -16.94 19.42 -4.74
N GLY B 211 -17.36 18.19 -4.43
CA GLY B 211 -17.46 17.16 -5.44
C GLY B 211 -16.24 16.27 -5.57
N MET B 212 -15.13 16.59 -4.90
CA MET B 212 -14.00 15.67 -4.86
C MET B 212 -14.21 14.53 -3.88
N ASN B 213 -15.20 14.63 -3.00
CA ASN B 213 -15.51 13.60 -2.01
C ASN B 213 -14.35 13.39 -1.04
N GLN B 214 -13.74 14.49 -0.63
CA GLN B 214 -12.71 14.45 0.42
C GLN B 214 -13.22 13.76 1.67
N LEU B 215 -14.48 14.01 2.04
CA LEU B 215 -15.03 13.44 3.26
C LEU B 215 -15.59 12.04 3.09
N GLY B 216 -15.65 11.52 1.86
CA GLY B 216 -16.20 10.20 1.65
C GLY B 216 -17.70 10.16 1.84
N ASN B 217 -18.37 11.31 1.80
CA ASN B 217 -19.76 11.40 2.18
C ASN B 217 -20.70 11.52 0.99
N GLU B 218 -20.19 11.73 -0.23
CA GLU B 218 -21.06 11.99 -1.37
C GLU B 218 -22.05 10.85 -1.55
N GLY B 219 -23.22 11.18 -2.08
CA GLY B 219 -24.28 10.19 -2.20
C GLY B 219 -24.94 9.80 -0.89
N GLY B 220 -24.78 10.58 0.17
CA GLY B 220 -25.37 10.25 1.44
C GLY B 220 -24.73 9.09 2.17
N GLN B 221 -23.50 8.77 1.85
CA GLN B 221 -22.80 7.70 2.57
C GLN B 221 -22.44 8.17 3.98
N LYS B 222 -22.99 7.50 4.97
CA LYS B 222 -22.71 7.79 6.37
C LYS B 222 -21.63 6.90 6.98
N TYR B 223 -21.31 5.77 6.37
CA TYR B 223 -20.51 4.76 7.03
C TYR B 223 -19.35 4.33 6.15
N HIS B 224 -18.26 3.93 6.80
CA HIS B 224 -17.09 3.42 6.09
C HIS B 224 -16.61 4.43 5.04
N GLN B 225 -16.64 5.69 5.42
CA GLN B 225 -16.20 6.78 4.55
C GLN B 225 -14.71 6.63 4.23
N ARG B 226 -14.40 6.63 2.94
CA ARG B 226 -13.01 6.62 2.47
C ARG B 226 -12.76 7.90 1.70
N PRO B 227 -11.85 8.75 2.15
CA PRO B 227 -11.56 9.99 1.42
C PRO B 227 -11.37 9.73 -0.07
N TYR B 228 -12.02 10.57 -0.87
CA TYR B 228 -11.82 10.65 -2.32
C TYR B 228 -12.32 9.43 -3.06
N SER B 229 -13.07 8.54 -2.39
CA SER B 229 -13.73 7.43 -3.07
C SER B 229 -14.60 7.92 -4.22
N ASP B 230 -14.69 7.12 -5.28
CA ASP B 230 -15.57 7.44 -6.39
C ASP B 230 -17.02 7.18 -6.02
N TYR B 231 -17.88 8.15 -6.32
CA TYR B 231 -19.31 8.02 -6.12
C TYR B 231 -20.06 8.09 -7.43
N THR B 232 -19.37 8.14 -8.57
CA THR B 232 -19.99 8.35 -9.88
C THR B 232 -20.03 7.09 -10.72
N GLY B 233 -19.67 5.94 -10.16
CA GLY B 233 -19.83 4.69 -10.87
C GLY B 233 -18.89 4.44 -12.03
N TYR B 234 -17.64 4.91 -11.96
CA TYR B 234 -16.67 4.49 -12.95
C TYR B 234 -16.35 3.00 -12.79
N LYS B 235 -16.30 2.31 -13.93
CA LYS B 235 -15.94 0.90 -14.02
C LYS B 235 -15.09 0.75 -15.27
N PRO B 236 -13.93 0.09 -15.18
CA PRO B 236 -13.18 -0.22 -16.41
C PRO B 236 -13.75 -1.44 -17.10
N VAL B 237 -13.63 -1.45 -18.43
CA VAL B 237 -14.11 -2.60 -19.19
C VAL B 237 -13.02 -3.64 -19.36
N ASN B 238 -11.79 -3.33 -18.99
CA ASN B 238 -10.76 -4.35 -18.87
C ASN B 238 -10.55 -4.70 -17.40
N THR B 239 -9.96 -5.84 -17.21
CA THR B 239 -9.51 -6.60 -16.07
C THR B 239 -7.99 -6.54 -15.96
N PRO B 240 -7.43 -6.59 -14.76
CA PRO B 240 -5.98 -6.75 -14.62
C PRO B 240 -5.43 -7.97 -15.37
N TYR B 241 -6.25 -9.01 -15.56
CA TYR B 241 -5.80 -10.30 -16.05
C TYR B 241 -6.18 -10.60 -17.50
N ASP B 242 -7.00 -9.77 -18.14
CA ASP B 242 -7.49 -10.02 -19.49
C ASP B 242 -7.78 -8.70 -20.20
N ILE B 243 -7.28 -8.56 -21.43
CA ILE B 243 -7.57 -7.38 -22.27
C ILE B 243 -8.78 -7.70 -23.14
N ARG B 244 -9.99 -7.45 -22.61
CA ARG B 244 -11.19 -7.58 -23.44
C ARG B 244 -11.20 -6.56 -24.55
N ASN B 245 -10.67 -5.36 -24.30
CA ASN B 245 -10.81 -4.22 -25.19
C ASN B 245 -9.50 -3.44 -25.13
N PRO B 246 -8.63 -3.59 -26.13
CA PRO B 246 -7.38 -2.79 -26.15
C PRO B 246 -7.61 -1.33 -26.51
N SER B 247 -8.84 -0.94 -26.82
CA SER B 247 -9.17 0.46 -27.05
C SER B 247 -9.52 1.20 -25.76
N ARG B 248 -9.42 0.56 -24.60
CA ARG B 248 -9.91 1.13 -23.35
C ARG B 248 -8.91 0.88 -22.23
N TRP B 249 -8.98 1.70 -21.19
CA TRP B 249 -8.01 1.62 -20.10
C TRP B 249 -8.08 0.27 -19.42
N GLN B 250 -6.91 -0.19 -18.96
CA GLN B 250 -6.79 -1.44 -18.22
C GLN B 250 -5.95 -1.18 -16.98
N PRO B 251 -6.44 -1.54 -15.80
CA PRO B 251 -5.61 -1.40 -14.58
C PRO B 251 -4.41 -2.34 -14.62
N ALA B 252 -3.27 -1.85 -14.11
CA ALA B 252 -2.08 -2.68 -13.98
C ALA B 252 -2.15 -3.48 -12.70
N LEU B 253 -1.58 -4.67 -12.73
CA LEU B 253 -1.37 -5.40 -11.49
C LEU B 253 -0.01 -4.98 -10.94
N VAL B 254 0.03 -4.58 -9.66
CA VAL B 254 1.19 -3.88 -9.10
C VAL B 254 1.57 -4.46 -7.74
N SER B 255 2.87 -4.52 -7.46
CA SER B 255 3.36 -4.97 -6.17
C SER B 255 4.58 -4.16 -5.77
N THR B 256 4.71 -3.89 -4.46
CA THR B 256 5.84 -3.14 -3.96
C THR B 256 7.06 -3.99 -3.71
N GLY B 257 7.03 -5.27 -4.09
CA GLY B 257 8.07 -6.21 -3.74
C GLY B 257 7.68 -7.07 -2.58
N ASN B 258 6.41 -7.08 -2.23
CA ASN B 258 5.88 -7.37 -0.93
C ASN B 258 5.44 -8.81 -0.74
N GLY B 259 5.25 -9.54 -1.82
CA GLY B 259 4.35 -10.66 -1.83
C GLY B 259 2.89 -10.27 -1.98
N ILE B 260 2.54 -8.99 -1.78
CA ILE B 260 1.16 -8.53 -1.91
C ILE B 260 0.99 -7.90 -3.29
N PHE B 261 -0.16 -8.16 -3.92
CA PHE B 261 -0.46 -7.73 -5.27
C PHE B 261 -1.85 -7.09 -5.30
N THR B 262 -1.97 -5.97 -6.00
CA THR B 262 -3.23 -5.25 -6.07
C THR B 262 -3.42 -4.71 -7.48
N ALA B 263 -4.67 -4.55 -7.88
CA ALA B 263 -5.01 -3.90 -9.13
C ALA B 263 -5.25 -2.41 -8.93
N GLN B 264 -4.80 -1.62 -9.88
CA GLN B 264 -5.08 -0.19 -9.84
C GLN B 264 -6.57 0.08 -9.92
N SER B 265 -6.97 1.19 -9.32
CA SER B 265 -8.31 1.73 -9.50
C SER B 265 -8.16 3.19 -9.91
N PHE B 266 -8.91 3.60 -10.93
CA PHE B 266 -8.98 4.99 -11.39
C PHE B 266 -9.03 5.95 -10.20
N VAL B 267 -7.90 6.64 -9.95
CA VAL B 267 -7.83 7.58 -8.83
C VAL B 267 -8.73 8.79 -9.11
N THR B 268 -9.41 9.26 -8.05
CA THR B 268 -10.39 10.34 -8.09
C THR B 268 -11.14 10.40 -9.42
N ALA B 269 -11.76 9.27 -9.81
CA ALA B 269 -12.50 9.23 -11.06
C ALA B 269 -13.58 10.29 -11.11
N GLN B 270 -13.98 10.81 -9.94
CA GLN B 270 -15.01 11.82 -9.84
C GLN B 270 -14.52 13.23 -10.13
N LEU B 271 -13.24 13.43 -10.45
CA LEU B 271 -12.68 14.78 -10.38
C LEU B 271 -13.32 15.71 -11.41
N GLY B 272 -13.64 15.18 -12.59
CA GLY B 272 -14.31 15.96 -13.61
C GLY B 272 -15.58 16.64 -13.14
N ARG B 273 -16.19 16.12 -12.06
CA ARG B 273 -17.39 16.70 -11.48
C ARG B 273 -17.11 17.79 -10.45
N ALA B 274 -15.90 17.87 -9.93
CA ALA B 274 -15.65 18.76 -8.80
C ALA B 274 -15.59 20.23 -9.27
N LYS B 275 -15.60 21.15 -8.31
CA LYS B 275 -15.77 22.56 -8.60
C LYS B 275 -14.42 23.16 -8.99
N PRO B 276 -14.28 23.70 -10.20
CA PRO B 276 -13.04 24.39 -10.57
C PRO B 276 -12.97 25.80 -10.00
N TYR B 277 -11.77 26.39 -10.10
CA TYR B 277 -11.54 27.78 -9.65
C TYR B 277 -11.82 28.78 -10.76
N SER B 278 -11.08 28.70 -11.85
CA SER B 278 -10.99 29.77 -12.85
C SER B 278 -11.92 29.60 -14.04
N PHE B 279 -12.76 28.58 -14.04
CA PHE B 279 -13.81 28.43 -15.04
C PHE B 279 -14.95 27.68 -14.37
N ALA B 280 -16.12 27.69 -15.01
CA ALA B 280 -17.26 27.08 -14.34
C ALA B 280 -17.19 25.57 -14.40
N ASP B 281 -16.78 25.03 -15.55
CA ASP B 281 -17.06 23.66 -15.94
C ASP B 281 -15.96 23.14 -16.86
N PRO B 282 -15.30 22.05 -16.53
CA PRO B 282 -14.30 21.47 -17.46
C PRO B 282 -14.91 21.05 -18.78
N LYS B 283 -16.23 20.80 -18.82
CA LYS B 283 -16.87 20.26 -20.01
C LYS B 283 -16.70 21.16 -21.22
N ASP B 284 -16.31 22.41 -21.00
CA ASP B 284 -15.99 23.30 -22.10
C ASP B 284 -14.51 23.25 -22.46
N LEU B 285 -13.75 22.29 -21.91
CA LEU B 285 -12.30 22.21 -22.08
C LEU B 285 -11.87 20.87 -22.68
N LEU B 286 -12.75 20.24 -23.44
CA LEU B 286 -12.49 18.93 -24.02
C LEU B 286 -11.38 19.00 -25.07
N VAL B 287 -10.54 17.97 -25.14
CA VAL B 287 -9.49 17.92 -26.13
C VAL B 287 -9.89 16.95 -27.24
N SER B 288 -9.12 16.97 -28.34
CA SER B 288 -9.47 16.20 -29.52
C SER B 288 -9.57 14.71 -29.20
N LYS B 289 -10.36 14.01 -30.00
CA LYS B 289 -10.46 12.57 -29.91
C LYS B 289 -9.10 11.92 -30.17
N PRO B 290 -8.65 10.97 -29.31
CA PRO B 290 -7.37 10.29 -29.57
C PRO B 290 -7.54 9.13 -30.53
N ARG B 291 -7.47 9.44 -31.82
CA ARG B 291 -7.79 8.47 -32.86
C ARG B 291 -6.77 7.32 -32.95
N SER B 292 -5.54 7.52 -32.46
CA SER B 292 -4.57 6.43 -32.53
C SER B 292 -4.69 5.42 -31.41
N SER B 293 -5.44 5.72 -30.35
CA SER B 293 -5.68 4.73 -29.31
C SER B 293 -6.90 3.87 -29.59
N ASN B 294 -7.40 3.88 -30.82
CA ASN B 294 -8.43 2.95 -31.26
C ASN B 294 -7.75 1.75 -31.90
N HIS B 295 -7.93 0.56 -31.31
CA HIS B 295 -7.10 -0.57 -31.74
C HIS B 295 -7.52 -1.15 -33.07
N ARG B 296 -8.69 -0.79 -33.59
CA ARG B 296 -9.10 -1.23 -34.91
C ARG B 296 -8.55 -0.35 -36.03
N ASN B 297 -8.16 0.87 -35.71
CA ASN B 297 -7.42 1.76 -36.62
C ASN B 297 -5.94 1.32 -36.61
N ARG B 298 -5.72 0.10 -37.13
CA ARG B 298 -4.55 -0.69 -36.73
C ARG B 298 -3.24 0.03 -36.99
N ALA B 299 -3.11 0.66 -38.16
CA ALA B 299 -1.84 1.26 -38.53
C ALA B 299 -1.40 2.27 -37.48
N ALA B 300 -2.31 3.16 -37.07
CA ALA B 300 -1.94 4.23 -36.14
C ALA B 300 -1.71 3.71 -34.73
N TYR B 301 -2.47 2.69 -34.32
CA TYR B 301 -2.29 2.10 -33.01
C TYR B 301 -0.88 1.51 -32.87
N LYS B 302 -0.44 0.79 -33.90
CA LYS B 302 0.87 0.15 -33.86
C LYS B 302 1.99 1.17 -33.77
N ARG B 303 1.97 2.19 -34.64
CA ARG B 303 3.06 3.16 -34.71
C ARG B 303 3.35 3.77 -33.35
N GLN B 304 2.31 4.18 -32.61
CA GLN B 304 2.54 4.86 -31.34
C GLN B 304 3.06 3.90 -30.27
N ALA B 305 2.60 2.65 -30.27
CA ALA B 305 3.24 1.63 -29.44
C ALA B 305 4.71 1.47 -29.81
N GLU B 306 5.00 1.43 -31.11
CA GLU B 306 6.39 1.28 -31.54
C GLU B 306 7.24 2.45 -31.04
N GLU B 307 6.67 3.66 -31.03
CA GLU B 307 7.39 4.80 -30.46
C GLU B 307 7.77 4.53 -29.01
N VAL B 308 6.83 4.01 -28.22
CA VAL B 308 7.04 3.84 -26.78
C VAL B 308 8.10 2.77 -26.54
N LEU B 309 8.07 1.69 -27.32
CA LEU B 309 9.09 0.67 -27.24
C LEU B 309 10.46 1.24 -27.59
N ARG B 310 10.55 1.98 -28.70
CA ARG B 310 11.85 2.53 -29.08
C ARG B 310 12.37 3.50 -28.04
N ALA B 311 11.50 4.34 -27.49
CA ALA B 311 11.90 5.17 -26.36
C ALA B 311 12.43 4.30 -25.21
N SER B 312 11.77 3.18 -24.94
CA SER B 312 12.20 2.32 -23.84
C SER B 312 13.56 1.69 -24.14
N ALA B 313 13.73 1.17 -25.35
CA ALA B 313 15.00 0.55 -25.74
C ALA B 313 16.14 1.57 -25.73
N ASN B 314 15.88 2.81 -26.15
CA ASN B 314 16.93 3.79 -26.38
C ASN B 314 17.04 4.82 -25.27
N LEU B 315 16.53 4.51 -24.08
CA LEU B 315 16.72 5.40 -22.94
C LEU B 315 18.18 5.76 -22.75
N THR B 316 18.42 6.94 -22.19
CA THR B 316 19.72 7.40 -21.76
C THR B 316 19.57 7.99 -20.35
N ASP B 317 20.70 8.26 -19.69
CA ASP B 317 20.63 8.75 -18.32
C ASP B 317 19.86 10.07 -18.22
N GLU B 318 20.00 10.93 -19.21
CA GLU B 318 19.36 12.23 -19.11
C GLU B 318 17.86 12.12 -19.38
N GLN B 319 17.47 11.35 -20.40
CA GLN B 319 16.07 11.01 -20.57
C GLN B 319 15.49 10.46 -19.28
N LYS B 320 16.15 9.44 -18.71
CA LYS B 320 15.66 8.82 -17.48
C LYS B 320 15.42 9.87 -16.39
N LEU B 321 16.32 10.83 -16.25
CA LEU B 321 16.28 11.76 -15.13
C LEU B 321 15.24 12.87 -15.34
N LYS B 322 14.98 13.24 -16.59
CA LYS B 322 13.89 14.17 -16.86
C LYS B 322 12.54 13.51 -16.64
N ALA B 323 12.42 12.25 -17.06
CA ALA B 323 11.23 11.46 -16.77
C ALA B 323 10.95 11.46 -15.28
N GLU B 324 11.96 11.11 -14.47
CA GLU B 324 11.78 11.16 -13.02
C GLU B 324 11.44 12.56 -12.54
N PHE B 325 12.03 13.59 -13.17
CA PHE B 325 11.87 14.95 -12.66
C PHE B 325 10.43 15.41 -12.76
N PHE B 326 9.85 15.31 -13.94
CA PHE B 326 8.47 15.76 -14.12
C PHE B 326 7.45 14.81 -13.52
N ASN B 327 7.86 13.61 -13.14
CA ASN B 327 6.94 12.62 -12.64
C ASN B 327 6.66 12.77 -11.15
N ASP B 328 7.56 13.39 -10.41
CA ASP B 328 7.38 13.62 -8.99
C ASP B 328 7.08 15.10 -8.80
N LYS B 329 5.88 15.40 -8.30
CA LYS B 329 5.42 16.78 -8.28
C LYS B 329 6.22 17.64 -7.32
N LEU B 330 6.71 17.05 -6.23
CA LEU B 330 7.53 17.81 -5.28
C LEU B 330 8.96 18.03 -5.79
N ILE B 331 9.56 17.02 -6.41
CA ILE B 331 10.88 17.20 -7.01
C ILE B 331 10.80 18.22 -8.15
N PHE B 332 9.70 18.19 -8.91
CA PHE B 332 9.49 19.19 -9.94
C PHE B 332 9.49 20.59 -9.32
N ALA B 333 8.67 20.80 -8.29
CA ALA B 333 8.65 22.07 -7.57
C ALA B 333 10.02 22.46 -7.02
N SER B 334 10.93 21.49 -6.82
CA SER B 334 12.26 21.78 -6.31
C SER B 334 13.15 22.45 -7.34
N GLY B 335 12.86 22.29 -8.62
CA GLY B 335 13.67 22.90 -9.67
C GLY B 335 13.46 24.38 -9.87
N PHE B 336 12.61 25.01 -9.04
CA PHE B 336 12.14 26.38 -9.22
C PHE B 336 12.73 27.33 -8.21
N MET B 337 13.94 27.03 -7.72
CA MET B 337 14.49 27.83 -6.64
C MET B 337 14.86 29.23 -7.12
N GLY B 338 15.46 29.33 -8.30
CA GLY B 338 15.76 30.62 -8.90
C GLY B 338 14.57 31.21 -9.61
N GLU B 339 13.38 31.06 -9.00
CA GLU B 339 12.13 31.61 -9.50
C GLU B 339 11.24 32.09 -8.35
N ILE B 340 11.84 32.46 -7.22
CA ILE B 340 11.11 32.95 -6.05
C ILE B 340 11.48 34.40 -5.81
N SER B 341 10.51 35.18 -5.31
CA SER B 341 10.43 36.61 -5.62
C SER B 341 11.25 37.52 -4.71
N ASP B 342 11.58 37.10 -3.49
CA ASP B 342 12.11 37.95 -2.42
C ASP B 342 11.00 38.75 -1.75
N ASP B 343 10.11 39.36 -2.53
CA ASP B 343 8.92 39.99 -1.95
C ASP B 343 7.90 38.91 -1.59
N LEU B 344 7.56 38.81 -0.30
CA LEU B 344 6.75 37.71 0.18
C LEU B 344 5.33 37.74 -0.40
N MET B 345 4.74 38.95 -0.46
CA MET B 345 3.40 39.09 -1.04
C MET B 345 3.40 38.66 -2.50
N GLU B 346 4.43 39.04 -3.25
CA GLU B 346 4.56 38.62 -4.65
C GLU B 346 4.70 37.11 -4.76
N PHE B 347 5.33 36.49 -3.79
CA PHE B 347 5.52 35.04 -3.82
C PHE B 347 4.19 34.32 -3.62
N ILE B 348 3.36 34.79 -2.69
CA ILE B 348 2.06 34.19 -2.46
C ILE B 348 1.20 34.25 -3.71
N HIS B 349 1.28 35.37 -4.44
CA HIS B 349 0.38 35.58 -5.57
C HIS B 349 0.79 34.72 -6.76
N SER B 350 2.09 34.51 -6.96
CA SER B 350 2.54 33.67 -8.06
C SER B 350 2.26 32.21 -7.76
N ALA B 351 2.54 31.79 -6.53
CA ALA B 351 2.22 30.43 -6.11
C ALA B 351 0.74 30.14 -6.29
N THR B 352 -0.12 31.04 -5.81
CA THR B 352 -1.57 30.86 -5.93
C THR B 352 -2.01 30.69 -7.38
N ALA B 353 -1.55 31.59 -8.26
CA ALA B 353 -1.82 31.43 -9.69
C ALA B 353 -1.28 30.11 -10.21
N SER B 354 -0.07 29.75 -9.78
CA SER B 354 0.55 28.54 -10.32
C SER B 354 -0.22 27.29 -9.94
N HIS B 355 -0.65 27.19 -8.68
CA HIS B 355 -1.19 25.92 -8.19
C HIS B 355 -2.71 25.87 -8.19
N ILE B 356 -3.38 27.02 -8.25
CA ILE B 356 -4.74 27.00 -8.77
C ILE B 356 -4.73 26.58 -10.22
N ALA B 357 -3.69 26.96 -10.96
CA ALA B 357 -3.58 26.47 -12.33
C ALA B 357 -3.41 24.96 -12.33
N GLY B 358 -2.62 24.42 -11.39
CA GLY B 358 -2.43 22.98 -11.32
C GLY B 358 -3.70 22.26 -10.94
N PHE B 359 -4.38 22.75 -9.91
CA PHE B 359 -5.65 22.14 -9.51
C PHE B 359 -6.67 22.17 -10.65
N ASP B 360 -6.75 23.31 -11.36
CA ASP B 360 -7.73 23.37 -12.44
C ASP B 360 -7.30 22.56 -13.66
N VAL B 361 -6.00 22.35 -13.89
CA VAL B 361 -5.66 21.56 -15.05
C VAL B 361 -5.77 20.06 -14.71
N MET B 362 -5.52 19.69 -13.46
CA MET B 362 -5.85 18.34 -13.02
C MET B 362 -7.31 18.02 -13.29
N LEU B 363 -8.19 18.94 -12.90
CA LEU B 363 -9.63 18.70 -13.02
C LEU B 363 -10.03 18.53 -14.49
N ALA B 364 -9.57 19.43 -15.35
CA ALA B 364 -9.90 19.31 -16.76
C ALA B 364 -9.25 18.09 -17.38
N SER B 365 -8.01 17.76 -16.99
CA SER B 365 -7.39 16.54 -17.49
C SER B 365 -8.21 15.31 -17.13
N TRP B 366 -8.67 15.23 -15.89
CA TRP B 366 -9.39 14.05 -15.44
C TRP B 366 -10.73 13.92 -16.16
N TYR B 367 -11.43 15.03 -16.37
CA TYR B 367 -12.64 15.01 -17.17
C TYR B 367 -12.39 14.37 -18.53
N ASN B 368 -11.30 14.76 -19.18
CA ASN B 368 -10.93 14.17 -20.46
C ASN B 368 -10.51 12.71 -20.32
N LYS B 369 -9.67 12.40 -19.34
CA LYS B 369 -9.29 11.01 -19.11
C LYS B 369 -10.52 10.11 -18.96
N ARG B 370 -11.48 10.53 -18.13
CA ARG B 370 -12.69 9.73 -17.92
C ARG B 370 -13.52 9.64 -19.19
N LYS B 371 -13.63 10.76 -19.93
CA LYS B 371 -14.40 10.79 -21.16
C LYS B 371 -13.85 9.79 -22.16
N TYR B 372 -12.52 9.77 -22.32
CA TYR B 372 -11.89 8.99 -23.36
C TYR B 372 -11.43 7.61 -22.91
N ASP B 373 -11.27 7.40 -21.59
CA ASP B 373 -10.99 6.08 -21.00
C ASP B 373 -9.97 5.28 -21.81
N ALA B 374 -8.82 5.95 -22.11
CA ALA B 374 -7.84 5.47 -23.09
C ALA B 374 -6.86 4.46 -22.49
N PRO B 375 -6.34 3.54 -23.29
CA PRO B 375 -5.43 2.51 -22.75
C PRO B 375 -4.00 3.01 -22.55
N ARG B 376 -3.39 2.54 -21.48
CA ARG B 376 -1.98 2.85 -21.26
C ARG B 376 -1.09 2.02 -22.20
N PRO B 377 0.15 2.46 -22.42
CA PRO B 377 1.03 1.74 -23.35
C PRO B 377 1.20 0.26 -23.07
N PHE B 378 1.36 -0.12 -21.80
CA PHE B 378 1.57 -1.53 -21.49
C PHE B 378 0.43 -2.41 -22.00
N THR B 379 -0.81 -1.90 -21.95
CA THR B 379 -1.95 -2.63 -22.49
C THR B 379 -1.80 -2.88 -23.99
N ALA B 380 -1.44 -1.84 -24.75
CA ALA B 380 -1.34 -1.99 -26.20
C ALA B 380 -0.19 -2.91 -26.57
N ILE B 381 0.93 -2.78 -25.85
CA ILE B 381 2.08 -3.64 -26.08
C ILE B 381 1.72 -5.11 -25.85
N ARG B 382 1.05 -5.40 -24.73
CA ARG B 382 0.66 -6.79 -24.43
C ARG B 382 -0.27 -7.36 -25.50
N TYR B 383 -1.21 -6.54 -25.98
CA TYR B 383 -2.13 -6.98 -27.05
C TYR B 383 -1.37 -7.16 -28.36
N LEU B 384 -0.67 -6.12 -28.83
CA LEU B 384 0.01 -6.18 -30.11
C LEU B 384 1.05 -7.30 -30.15
N TYR B 385 1.98 -7.33 -29.20
CA TYR B 385 3.11 -8.24 -29.24
C TYR B 385 2.93 -9.46 -28.35
N ALA B 386 1.67 -9.86 -28.13
CA ALA B 386 1.38 -11.05 -27.34
C ALA B 386 2.21 -12.24 -27.83
N GLY B 387 3.00 -12.81 -26.92
CA GLY B 387 3.77 -13.99 -27.22
C GLY B 387 5.16 -13.73 -27.73
N GLN B 388 5.51 -12.49 -28.04
CA GLN B 388 6.83 -12.19 -28.57
C GLN B 388 7.76 -11.70 -27.47
N LYS B 389 9.03 -11.55 -27.85
CA LYS B 389 10.02 -10.87 -27.07
C LYS B 389 10.31 -9.53 -27.74
N LEU B 390 10.88 -8.61 -26.98
CA LEU B 390 10.99 -7.23 -27.43
C LEU B 390 12.32 -6.65 -26.99
N ARG B 391 12.83 -5.70 -27.77
CA ARG B 391 14.00 -4.92 -27.37
C ARG B 391 13.49 -3.74 -26.57
N ALA B 392 13.64 -3.80 -25.25
CA ALA B 392 13.10 -2.76 -24.37
C ALA B 392 14.03 -2.57 -23.19
N TRP B 393 13.69 -1.61 -22.34
CA TRP B 393 14.33 -1.52 -21.03
C TRP B 393 14.07 -2.82 -20.27
N GLY B 394 15.12 -3.36 -19.65
CA GLY B 394 15.00 -4.63 -18.97
C GLY B 394 14.54 -4.56 -17.53
N GLY B 395 14.44 -3.36 -16.98
CA GLY B 395 14.19 -3.18 -15.58
C GLY B 395 15.42 -2.65 -14.90
N PRO B 396 15.32 -2.38 -13.60
CA PRO B 396 16.40 -1.65 -12.91
C PRO B 396 17.75 -2.35 -13.07
N GLY B 397 18.76 -1.56 -13.46
CA GLY B 397 20.12 -2.02 -13.63
C GLY B 397 20.35 -2.96 -14.79
N LYS B 398 19.32 -3.28 -15.56
CA LYS B 398 19.44 -4.26 -16.63
C LYS B 398 19.80 -3.63 -17.98
N GLY B 399 19.80 -2.30 -18.07
CA GLY B 399 19.95 -1.61 -19.34
C GLY B 399 19.01 -2.14 -20.41
N THR B 400 19.38 -2.02 -21.67
CA THR B 400 18.52 -2.51 -22.74
C THR B 400 18.79 -4.00 -22.97
N VAL B 401 17.71 -4.75 -23.16
CA VAL B 401 17.78 -6.17 -23.42
C VAL B 401 16.90 -6.44 -24.63
N ASP B 402 17.15 -7.57 -25.28
CA ASP B 402 16.46 -7.93 -26.51
C ASP B 402 15.41 -9.00 -26.31
N ASP B 403 15.25 -9.49 -25.07
CA ASP B 403 14.37 -10.61 -24.79
C ASP B 403 13.40 -10.27 -23.66
N MET B 404 12.82 -9.08 -23.72
CA MET B 404 11.77 -8.72 -22.78
C MET B 404 10.46 -9.34 -23.24
N PRO B 405 9.87 -10.27 -22.49
CA PRO B 405 8.57 -10.83 -22.89
C PRO B 405 7.51 -9.74 -22.86
N ALA B 406 6.61 -9.78 -23.84
CA ALA B 406 5.65 -8.69 -24.01
C ALA B 406 4.83 -8.50 -22.75
N GLU B 407 4.33 -9.59 -22.19
CA GLU B 407 3.52 -9.61 -20.99
C GLU B 407 4.30 -9.22 -19.74
N ASP B 408 5.61 -9.01 -19.84
CA ASP B 408 6.40 -8.52 -18.72
C ASP B 408 6.88 -7.09 -18.91
N TRP B 409 6.71 -6.53 -20.11
CA TRP B 409 7.20 -5.18 -20.36
C TRP B 409 6.57 -4.18 -19.39
N GLN B 410 7.41 -3.33 -18.80
CA GLN B 410 6.93 -2.20 -18.03
C GLN B 410 7.55 -0.91 -18.54
N SER B 411 6.79 0.16 -18.38
CA SER B 411 7.33 1.51 -18.48
C SER B 411 8.47 1.69 -17.46
N TYR B 412 9.32 2.69 -17.75
CA TYR B 412 10.44 3.01 -16.86
C TYR B 412 9.95 3.59 -15.55
N LEU B 413 9.12 4.63 -15.62
CA LEU B 413 8.36 5.04 -14.46
C LEU B 413 7.26 4.01 -14.16
N GLN B 414 6.84 4.00 -12.91
CA GLN B 414 5.63 3.29 -12.52
C GLN B 414 4.40 3.99 -13.13
N VAL B 415 3.69 3.29 -14.02
CA VAL B 415 2.51 3.86 -14.67
C VAL B 415 1.41 4.13 -13.64
N SER B 416 0.74 5.28 -13.81
CA SER B 416 -0.22 5.84 -12.88
C SER B 416 -1.58 5.16 -13.02
N ASP B 417 -2.37 5.25 -11.95
CA ASP B 417 -3.67 4.55 -11.85
C ASP B 417 -4.83 5.38 -12.41
N HIS B 418 -4.73 5.70 -13.70
CA HIS B 418 -5.82 6.36 -14.41
C HIS B 418 -5.63 6.17 -15.90
N PRO B 419 -6.71 6.29 -16.69
CA PRO B 419 -6.58 6.21 -18.16
C PRO B 419 -5.53 7.12 -18.78
N GLU B 420 -5.12 6.78 -20.00
CA GLU B 420 -3.89 7.31 -20.60
C GLU B 420 -4.02 8.73 -21.15
N TYR B 421 -5.19 9.13 -21.66
CA TYR B 421 -5.27 10.31 -22.52
C TYR B 421 -6.19 11.38 -21.94
N PRO B 422 -5.71 12.61 -21.77
CA PRO B 422 -4.38 13.14 -22.08
C PRO B 422 -3.43 13.03 -20.88
N SER B 423 -2.24 13.63 -20.95
CA SER B 423 -1.22 13.52 -19.92
C SER B 423 -1.40 14.59 -18.83
N GLY B 424 -1.67 14.14 -17.61
CA GLY B 424 -1.90 15.07 -16.52
C GLY B 424 -0.66 15.85 -16.13
N SER B 425 0.50 15.18 -16.14
CA SER B 425 1.75 15.84 -15.76
C SER B 425 2.14 16.89 -16.78
N THR B 426 1.97 16.60 -18.07
CA THR B 426 2.26 17.58 -19.10
C THR B 426 1.30 18.76 -19.03
N ALA B 427 0.00 18.48 -18.92
CA ALA B 427 -0.95 19.58 -18.78
C ALA B 427 -0.62 20.42 -17.58
N PHE B 428 -0.11 19.79 -16.51
CA PHE B 428 0.39 20.59 -15.38
C PHE B 428 1.62 21.39 -15.78
N CYS B 429 2.62 20.72 -16.38
CA CYS B 429 3.80 21.42 -16.89
C CYS B 429 3.41 22.60 -17.77
N ALA B 430 2.48 22.39 -18.70
CA ALA B 430 2.09 23.47 -19.61
C ALA B 430 1.42 24.60 -18.86
N ALA B 431 0.53 24.28 -17.91
CA ALA B 431 -0.12 25.33 -17.12
C ALA B 431 0.90 26.09 -16.29
N GLN B 432 1.77 25.36 -15.59
CA GLN B 432 2.79 26.00 -14.77
C GLN B 432 3.68 26.92 -15.60
N ALA B 433 3.93 26.56 -16.87
CA ALA B 433 4.76 27.38 -17.72
C ALA B 433 4.04 28.62 -18.22
N GLU B 434 2.72 28.51 -18.45
CA GLU B 434 1.94 29.67 -18.85
C GLU B 434 1.89 30.71 -17.73
N VAL B 435 1.59 30.28 -16.52
CA VAL B 435 1.60 31.23 -15.40
C VAL B 435 2.98 31.87 -15.28
N GLY B 436 4.04 31.08 -15.47
CA GLY B 436 5.38 31.61 -15.36
C GLY B 436 5.70 32.65 -16.42
N LYS B 437 5.10 32.52 -17.60
CA LYS B 437 5.28 33.52 -18.64
C LYS B 437 4.55 34.80 -18.27
N LEU B 438 3.25 34.69 -17.99
CA LEU B 438 2.44 35.86 -17.66
C LEU B 438 2.97 36.58 -16.43
N VAL B 439 3.63 35.87 -15.54
CA VAL B 439 4.20 36.52 -14.34
C VAL B 439 5.58 37.08 -14.63
N GLY B 440 6.40 36.40 -15.43
CA GLY B 440 7.77 36.77 -15.74
C GLY B 440 8.01 37.58 -17.01
N GLY B 441 6.97 37.82 -17.81
CA GLY B 441 7.09 38.68 -18.98
C GLY B 441 7.63 38.03 -20.24
N GLY B 442 7.59 36.71 -20.34
CA GLY B 442 8.09 36.05 -21.53
C GLY B 442 8.71 34.72 -21.18
N ASP B 443 9.24 34.07 -22.22
CA ASP B 443 9.71 32.70 -22.22
C ASP B 443 11.00 32.46 -21.34
N ARG B 444 11.55 33.42 -20.61
CA ARG B 444 12.80 33.22 -19.88
C ARG B 444 12.53 32.62 -18.52
N THR B 445 13.31 31.61 -18.16
CA THR B 445 13.14 30.96 -16.86
C THR B 445 14.45 30.30 -16.43
N ASP B 446 14.46 29.85 -15.17
CA ASP B 446 15.64 29.25 -14.52
C ASP B 446 15.21 27.97 -13.76
N ILE B 447 15.13 26.84 -14.47
CA ILE B 447 14.77 25.55 -13.89
C ILE B 447 16.01 24.67 -13.83
N ARG B 448 16.37 24.22 -12.62
CA ARG B 448 17.57 23.42 -12.40
C ARG B 448 17.21 22.09 -11.72
N TYR B 449 17.93 21.03 -12.07
CA TYR B 449 17.72 19.74 -11.42
C TYR B 449 19.05 18.99 -11.38
N ASP B 450 19.56 18.78 -10.16
CA ASP B 450 20.82 18.08 -9.93
C ASP B 450 20.58 16.73 -9.28
N VAL B 451 21.29 15.70 -9.75
CA VAL B 451 21.21 14.36 -9.16
C VAL B 451 22.62 13.81 -9.03
N GLU B 452 22.99 13.42 -7.81
CA GLU B 452 24.24 12.72 -7.58
C GLU B 452 24.24 11.39 -8.32
N LYS B 453 25.44 10.86 -8.56
CA LYS B 453 25.58 9.53 -9.13
C LYS B 453 24.72 8.54 -8.34
N GLY B 454 23.98 7.71 -9.05
CA GLY B 454 23.14 6.71 -8.42
C GLY B 454 21.92 7.24 -7.67
N GLY B 455 21.52 8.48 -7.91
CA GLY B 455 20.44 9.06 -7.14
C GLY B 455 19.06 8.86 -7.71
N SER B 456 18.93 8.18 -8.85
CA SER B 456 17.63 7.80 -9.38
C SER B 456 16.75 7.19 -8.30
N TYR B 457 15.45 7.39 -8.42
CA TYR B 457 14.52 6.66 -7.57
C TYR B 457 13.87 5.50 -8.30
N ILE B 458 14.19 5.31 -9.58
CA ILE B 458 13.79 4.13 -10.31
C ILE B 458 14.90 3.10 -10.33
N GLU B 459 16.14 3.54 -10.51
CA GLU B 459 17.32 2.68 -10.42
C GLU B 459 18.27 3.27 -9.39
N PRO B 460 17.96 3.14 -8.11
CA PRO B 460 18.88 3.63 -7.09
C PRO B 460 20.21 2.90 -7.17
N GLY B 461 21.29 3.67 -7.18
CA GLY B 461 22.64 3.14 -7.29
C GLY B 461 23.09 2.76 -8.67
N VAL B 462 22.31 3.06 -9.71
CA VAL B 462 22.72 2.73 -11.07
C VAL B 462 22.64 3.98 -11.93
N THR B 463 21.60 4.78 -11.71
CA THR B 463 21.37 5.96 -12.52
C THR B 463 21.31 7.18 -11.62
N PRO B 464 21.93 8.29 -12.02
CA PRO B 464 22.72 8.36 -13.24
C PRO B 464 24.14 7.85 -12.99
N ALA B 465 24.82 7.38 -14.03
CA ALA B 465 26.27 7.38 -13.98
C ALA B 465 26.73 8.84 -14.02
N LYS B 466 27.66 9.19 -13.12
CA LYS B 466 28.16 10.56 -12.94
C LYS B 466 27.10 11.53 -12.41
N ASP B 467 27.54 12.44 -11.55
CA ASP B 467 26.68 13.55 -11.12
C ASP B 467 26.16 14.30 -12.34
N THR B 468 24.85 14.57 -12.38
CA THR B 468 24.22 15.14 -13.56
C THR B 468 23.55 16.47 -13.22
N SER B 469 23.63 17.41 -14.15
CA SER B 469 22.97 18.71 -14.03
C SER B 469 22.11 18.96 -15.26
N ILE B 470 20.84 19.28 -15.03
CA ILE B 470 19.88 19.56 -16.09
C ILE B 470 19.31 20.95 -15.86
N ARG B 471 19.23 21.74 -16.93
CA ARG B 471 18.81 23.13 -16.83
C ARG B 471 17.91 23.49 -18.01
N TRP B 472 16.86 24.26 -17.72
CA TRP B 472 16.03 24.84 -18.75
C TRP B 472 16.04 26.34 -18.59
N THR B 473 16.18 27.06 -19.70
CA THR B 473 16.04 28.50 -19.69
C THR B 473 14.78 28.99 -20.38
N ASP B 474 14.16 28.16 -21.21
CA ASP B 474 12.93 28.51 -21.92
C ASP B 474 11.77 27.68 -21.40
N TRP B 475 10.70 28.38 -20.97
CA TRP B 475 9.46 27.72 -20.55
C TRP B 475 9.03 26.68 -21.58
N ASN B 476 9.05 27.04 -22.86
CA ASN B 476 8.58 26.09 -23.88
C ASN B 476 9.49 24.89 -23.99
N GLU B 477 10.81 25.09 -23.87
CA GLU B 477 11.71 23.94 -23.86
C GLU B 477 11.35 23.00 -22.72
N MET B 478 11.10 23.55 -21.53
CA MET B 478 10.72 22.74 -20.38
C MET B 478 9.47 21.93 -20.66
N VAL B 479 8.46 22.56 -21.29
CA VAL B 479 7.21 21.88 -21.57
C VAL B 479 7.40 20.78 -22.61
N ASP B 480 8.26 21.01 -23.60
CA ASP B 480 8.50 19.95 -24.58
C ASP B 480 9.24 18.79 -23.93
N ASP B 481 10.15 19.08 -23.00
CA ASP B 481 10.90 18.01 -22.34
C ASP B 481 10.00 17.19 -21.43
N CYS B 482 9.10 17.85 -20.69
CA CYS B 482 8.10 17.14 -19.92
C CYS B 482 7.27 16.22 -20.80
N ALA B 483 6.68 16.76 -21.86
CA ALA B 483 5.89 15.95 -22.79
C ALA B 483 6.70 14.77 -23.30
N LYS B 484 7.91 15.03 -23.77
CA LYS B 484 8.80 13.94 -24.19
C LYS B 484 9.12 12.98 -23.05
N SER B 485 9.25 13.48 -21.81
CA SER B 485 9.66 12.62 -20.72
C SER B 485 8.61 11.55 -20.40
N ARG B 486 7.34 11.84 -20.66
CA ARG B 486 6.31 10.84 -20.40
C ARG B 486 6.37 9.71 -21.43
N VAL B 487 6.90 9.99 -22.62
CA VAL B 487 7.11 8.90 -23.56
C VAL B 487 8.42 8.17 -23.23
N TRP B 488 9.49 8.91 -22.90
CA TRP B 488 10.67 8.25 -22.37
C TRP B 488 10.30 7.38 -21.17
N GLY B 489 9.36 7.86 -20.34
CA GLY B 489 8.96 7.15 -19.14
C GLY B 489 8.17 5.89 -19.38
N GLY B 490 7.64 5.72 -20.60
CA GLY B 490 6.81 4.58 -20.95
C GLY B 490 5.35 4.71 -20.55
N VAL B 491 4.95 5.83 -19.94
CA VAL B 491 3.62 5.92 -19.38
C VAL B 491 2.59 6.49 -20.35
N HIS B 492 3.02 7.23 -21.38
CA HIS B 492 2.11 7.88 -22.33
C HIS B 492 2.54 7.66 -23.76
N PHE B 493 1.56 7.70 -24.68
CA PHE B 493 1.88 7.90 -26.09
C PHE B 493 2.08 9.39 -26.36
N LYS B 494 2.73 9.69 -27.49
CA LYS B 494 3.03 11.08 -27.83
C LYS B 494 1.76 11.93 -27.88
N ALA B 495 0.69 11.39 -28.46
CA ALA B 495 -0.53 12.17 -28.68
C ALA B 495 -1.05 12.77 -27.39
N ALA B 496 -1.04 11.98 -26.30
CA ALA B 496 -1.56 12.47 -25.03
C ALA B 496 -0.72 13.63 -24.50
N THR B 497 0.60 13.60 -24.73
CA THR B 497 1.47 14.66 -24.23
C THR B 497 1.37 15.92 -25.07
N GLU B 498 0.94 15.78 -26.33
CA GLU B 498 0.78 16.95 -27.19
C GLU B 498 -0.54 17.65 -26.90
N ALA B 499 -1.61 16.87 -26.72
CA ALA B 499 -2.90 17.46 -26.38
C ALA B 499 -2.80 18.27 -25.09
N SER B 500 -2.00 17.80 -24.15
CA SER B 500 -1.94 18.49 -22.87
C SER B 500 -1.34 19.89 -22.99
N LYS B 501 -0.60 20.18 -24.06
CA LYS B 501 -0.03 21.51 -24.22
C LYS B 501 -1.13 22.57 -24.38
N GLY B 502 -2.02 22.38 -25.37
CA GLY B 502 -3.12 23.33 -25.53
C GLY B 502 -3.98 23.45 -24.29
N LEU B 503 -4.18 22.33 -23.58
CA LEU B 503 -5.01 22.34 -22.38
C LEU B 503 -4.35 23.13 -21.25
N GLY B 504 -3.07 22.85 -21.00
CA GLY B 504 -2.37 23.53 -19.91
C GLY B 504 -2.17 25.02 -20.17
N ALA B 505 -1.90 25.40 -21.42
CA ALA B 505 -1.84 26.81 -21.76
C ALA B 505 -3.13 27.53 -21.41
N LYS B 506 -4.27 27.01 -21.91
CA LYS B 506 -5.55 27.65 -21.64
C LYS B 506 -5.81 27.77 -20.13
N VAL B 507 -5.63 26.68 -19.38
CA VAL B 507 -5.93 26.71 -17.95
C VAL B 507 -4.95 27.59 -17.19
N GLY B 508 -3.66 27.55 -17.55
CA GLY B 508 -2.71 28.40 -16.86
C GLY B 508 -3.06 29.87 -17.04
N GLU B 509 -3.44 30.24 -18.26
CA GLU B 509 -3.88 31.60 -18.53
C GLU B 509 -5.12 31.96 -17.71
N SER B 510 -6.15 31.12 -17.75
CA SER B 510 -7.39 31.50 -17.06
C SER B 510 -7.19 31.56 -15.54
N SER B 511 -6.29 30.73 -15.00
CA SER B 511 -5.94 30.84 -13.59
C SER B 511 -5.23 32.14 -13.29
N TYR B 512 -4.24 32.51 -14.11
CA TYR B 512 -3.56 33.79 -13.91
C TYR B 512 -4.55 34.96 -13.95
N ARG B 513 -5.40 35.00 -14.97
CA ARG B 513 -6.37 36.11 -15.02
C ARG B 513 -7.37 36.03 -13.89
N TYR B 514 -7.66 34.84 -13.38
CA TYR B 514 -8.61 34.73 -12.28
C TYR B 514 -7.98 35.23 -11.00
N VAL B 515 -6.70 34.93 -10.80
CA VAL B 515 -6.00 35.43 -9.62
C VAL B 515 -5.79 36.93 -9.76
N GLN B 516 -5.38 37.37 -10.95
CA GLN B 516 -5.04 38.77 -11.17
C GLN B 516 -6.21 39.69 -10.87
N SER B 517 -7.42 39.25 -11.26
CA SER B 517 -8.61 40.01 -10.95
C SER B 517 -8.79 40.15 -9.44
N HIS B 518 -8.63 39.05 -8.69
CA HIS B 518 -8.76 39.12 -7.25
C HIS B 518 -7.71 40.04 -6.61
N ILE B 519 -6.47 40.00 -7.10
CA ILE B 519 -5.46 40.93 -6.61
C ILE B 519 -5.92 42.37 -6.82
N GLU B 520 -6.51 42.65 -7.98
CA GLU B 520 -7.00 43.99 -8.33
C GLU B 520 -8.27 44.39 -7.60
N GLY B 521 -8.89 43.50 -6.84
CA GLY B 521 -10.04 43.85 -6.04
C GLY B 521 -11.38 43.45 -6.63
N LYS B 522 -11.40 42.86 -7.83
CA LYS B 522 -12.63 42.42 -8.49
C LYS B 522 -12.86 40.92 -8.27
N GLN B 523 -13.80 40.59 -7.39
CA GLN B 523 -14.26 39.22 -7.23
C GLN B 523 -14.81 38.68 -8.55
N VAL B 524 -14.45 37.45 -8.89
CA VAL B 524 -14.98 36.78 -10.07
C VAL B 524 -15.14 35.29 -9.76
N GLY B 525 -16.17 34.69 -10.35
CA GLY B 525 -16.45 33.29 -10.15
C GLY B 525 -17.36 33.05 -8.97
N SER B 526 -17.43 31.79 -8.56
CA SER B 526 -18.44 31.35 -7.59
C SER B 526 -17.83 30.71 -6.35
N MET B 527 -16.55 30.99 -6.06
CA MET B 527 -15.90 30.37 -4.92
C MET B 527 -16.29 30.98 -3.58
N ARG B 528 -17.04 32.07 -3.55
CA ARG B 528 -17.47 32.60 -2.25
C ARG B 528 -18.62 31.79 -1.69
#